data_4JQ2
#
_entry.id   4JQ2
#
_cell.length_a   143.165
_cell.length_b   143.165
_cell.length_c   204.890
_cell.angle_alpha   90.00
_cell.angle_beta   90.00
_cell.angle_gamma   120.00
#
_symmetry.space_group_name_H-M   'H 3 2'
#
loop_
_entity.id
_entity.type
_entity.pdbx_description
1 polymer 'Aldo-keto reductase family 1 member C2'
2 non-polymer '[(1Z)-5-fluoro-2-methyl-1-{4-[methylsulfinyl]benzylidene}-1H-inden-3-yl]acetic acid'
3 non-polymer 'NADP NICOTINAMIDE-ADENINE-DINUCLEOTIDE PHOSPHATE'
4 non-polymer 1,2-ETHANEDIOL
5 non-polymer 'L(+)-TARTARIC ACID'
6 non-polymer 'PHOSPHATE ION'
7 water water
#
_entity_poly.entity_id   1
_entity_poly.type   'polypeptide(L)'
_entity_poly.pdbx_seq_one_letter_code
;MDSKYQCVKLNDGHFMPVLGFGTYAPAEVPKSKALEAVKLAIEAGFHHIDSAHVYNNEEQVGLAIRSKIADGSVKREDIF
YTSKLWSNSHRPELVRPALERSLKNLQLDYVDLYLIHFPVSVKPGEEVIPKDENGKILFDTVDLCATWEAMEKCKDAGLA
KSIGVSNFNHRLLEMILNKPGLKYKPVCNQVECHPYFNQRKLLDFCKSKDIVLVAYSALGSHREEPWVDPNSPVLLEDPV
LCALAKKHKRTPALIALRYQLQRGVVVLAKSYNEQRIRQNVQVFEFQLTSEEMKAIDGLNRNVRYLTLDIFAGPPNYPFS
DEYLEHHHHHH
;
_entity_poly.pdbx_strand_id   A,B
#
loop_
_chem_comp.id
_chem_comp.type
_chem_comp.name
_chem_comp.formula
EDO non-polymer 1,2-ETHANEDIOL 'C2 H6 O2'
NAP non-polymer 'NADP NICOTINAMIDE-ADENINE-DINUCLEOTIDE PHOSPHATE' 'C21 H28 N7 O17 P3'
PO4 non-polymer 'PHOSPHATE ION' 'O4 P -3'
SUZ non-polymer '[(1Z)-5-fluoro-2-methyl-1-{4-[methylsulfinyl]benzylidene}-1H-inden-3-yl]acetic acid' 'C20 H17 F O3 S'
TLA non-polymer 'L(+)-TARTARIC ACID' 'C4 H6 O6'
#
# COMPACT_ATOMS: atom_id res chain seq x y z
N LYS A 4 -8.82 -5.53 8.56
CA LYS A 4 -8.15 -4.61 7.59
C LYS A 4 -7.23 -5.39 6.66
N TYR A 5 -6.89 -4.76 5.54
CA TYR A 5 -6.04 -5.40 4.50
C TYR A 5 -5.52 -4.33 3.53
N GLN A 6 -4.42 -4.61 2.86
N GLN A 6 -4.44 -4.64 2.83
CA GLN A 6 -3.72 -3.59 2.06
CA GLN A 6 -3.81 -3.61 2.04
C GLN A 6 -4.42 -3.39 0.69
C GLN A 6 -4.50 -3.40 0.69
N CYS A 7 -4.81 -2.15 0.41
CA CYS A 7 -5.46 -1.73 -0.85
C CYS A 7 -4.80 -0.49 -1.40
N VAL A 8 -5.09 -0.24 -2.67
CA VAL A 8 -4.62 0.96 -3.39
C VAL A 8 -5.83 1.74 -3.91
N LYS A 9 -5.76 3.06 -3.83
CA LYS A 9 -6.82 3.92 -4.34
C LYS A 9 -6.67 4.04 -5.86
N LEU A 10 -7.75 3.72 -6.49
CA LEU A 10 -7.89 3.75 -7.97
C LEU A 10 -8.28 5.13 -8.46
N ASN A 11 -8.16 5.39 -9.78
CA ASN A 11 -8.36 6.77 -10.27
C ASN A 11 -9.83 7.19 -10.30
N ASP A 12 -10.76 6.28 -9.96
CA ASP A 12 -12.16 6.60 -9.78
C ASP A 12 -12.55 6.70 -8.30
N GLY A 13 -11.54 6.73 -7.42
CA GLY A 13 -11.76 6.77 -5.97
C GLY A 13 -12.10 5.42 -5.30
N HIS A 14 -12.24 4.34 -6.05
CA HIS A 14 -12.54 3.06 -5.43
C HIS A 14 -11.18 2.49 -5.01
N PHE A 15 -11.24 1.43 -4.18
CA PHE A 15 -10.04 0.78 -3.63
C PHE A 15 -9.93 -0.67 -4.06
N MET A 16 -8.71 -1.08 -4.44
CA MET A 16 -8.45 -2.40 -4.93
C MET A 16 -7.46 -3.09 -4.00
N PRO A 17 -7.81 -4.27 -3.49
CA PRO A 17 -6.82 -4.97 -2.64
C PRO A 17 -5.65 -5.34 -3.51
N VAL A 18 -4.42 -5.19 -3.01
CA VAL A 18 -3.20 -5.26 -3.80
C VAL A 18 -2.70 -6.71 -4.10
N LEU A 19 -3.30 -7.71 -3.45
CA LEU A 19 -3.08 -9.13 -3.76
C LEU A 19 -4.42 -9.73 -4.17
N GLY A 20 -4.46 -10.28 -5.38
CA GLY A 20 -5.65 -10.93 -5.91
C GLY A 20 -5.46 -12.43 -6.19
N PHE A 21 -6.57 -13.17 -6.11
CA PHE A 21 -6.59 -14.57 -6.35
C PHE A 21 -6.97 -14.81 -7.81
N GLY A 22 -6.14 -15.45 -8.57
CA GLY A 22 -6.44 -15.89 -9.95
C GLY A 22 -7.23 -17.19 -9.97
N THR A 23 -8.23 -17.28 -10.81
CA THR A 23 -9.09 -18.46 -10.83
C THR A 23 -9.02 -19.26 -12.11
N TYR A 24 -8.24 -18.86 -13.11
CA TYR A 24 -8.22 -19.63 -14.35
C TYR A 24 -7.45 -20.91 -14.12
N ALA A 25 -8.01 -22.01 -14.55
CA ALA A 25 -7.26 -23.30 -14.60
C ALA A 25 -7.43 -24.00 -15.96
N PRO A 26 -6.42 -24.80 -16.39
CA PRO A 26 -6.54 -25.59 -17.62
C PRO A 26 -7.81 -26.45 -17.66
N ALA A 27 -8.36 -26.65 -18.84
CA ALA A 27 -9.72 -27.19 -19.01
C ALA A 27 -9.93 -28.60 -18.46
N GLU A 28 -8.87 -29.38 -18.34
CA GLU A 28 -8.99 -30.72 -17.75
C GLU A 28 -8.89 -30.69 -16.23
N VAL A 29 -8.81 -29.51 -15.63
CA VAL A 29 -9.02 -29.41 -14.18
C VAL A 29 -10.54 -29.27 -14.06
N PRO A 30 -11.22 -30.17 -13.30
CA PRO A 30 -12.68 -29.99 -13.17
C PRO A 30 -13.02 -28.62 -12.59
N LYS A 31 -14.11 -28.07 -13.07
CA LYS A 31 -14.55 -26.76 -12.59
C LYS A 31 -14.90 -26.75 -11.11
N SER A 32 -15.27 -27.91 -10.56
CA SER A 32 -15.49 -28.10 -9.13
C SER A 32 -14.31 -27.60 -8.28
N LYS A 33 -13.10 -27.64 -8.83
CA LYS A 33 -11.94 -27.25 -8.02
C LYS A 33 -11.90 -25.75 -7.78
N ALA A 34 -12.56 -24.98 -8.64
CA ALA A 34 -12.56 -23.52 -8.48
C ALA A 34 -13.42 -23.10 -7.29
N LEU A 35 -14.52 -23.81 -7.07
CA LEU A 35 -15.31 -23.55 -5.91
C LEU A 35 -14.47 -23.70 -4.66
N GLU A 36 -13.76 -24.83 -4.52
CA GLU A 36 -13.01 -25.10 -3.32
C GLU A 36 -11.85 -24.10 -3.21
N ALA A 37 -11.16 -23.85 -4.30
CA ALA A 37 -10.05 -22.90 -4.26
C ALA A 37 -10.41 -21.49 -3.81
N VAL A 38 -11.49 -20.96 -4.34
CA VAL A 38 -11.89 -19.62 -3.95
C VAL A 38 -12.30 -19.51 -2.48
N LYS A 39 -13.00 -20.51 -1.92
CA LYS A 39 -13.28 -20.51 -0.49
C LYS A 39 -12.03 -20.51 0.32
N LEU A 40 -11.05 -21.31 -0.07
CA LEU A 40 -9.82 -21.34 0.65
C LEU A 40 -9.04 -20.01 0.58
N ALA A 41 -9.04 -19.39 -0.58
CA ALA A 41 -8.45 -18.08 -0.76
C ALA A 41 -9.05 -17.07 0.19
N ILE A 42 -10.36 -17.01 0.23
CA ILE A 42 -11.05 -16.10 1.18
C ILE A 42 -10.66 -16.40 2.61
N GLU A 43 -10.66 -17.69 3.00
CA GLU A 43 -10.25 -18.13 4.35
C GLU A 43 -8.87 -17.65 4.67
N ALA A 44 -7.99 -17.74 3.69
CA ALA A 44 -6.61 -17.40 3.88
C ALA A 44 -6.39 -15.91 3.99
N GLY A 45 -7.37 -15.09 3.59
CA GLY A 45 -7.18 -13.63 3.58
C GLY A 45 -7.07 -12.91 2.24
N PHE A 46 -7.36 -13.59 1.13
CA PHE A 46 -7.47 -12.88 -0.12
C PHE A 46 -8.79 -12.13 -0.03
N HIS A 47 -8.77 -10.86 -0.44
CA HIS A 47 -9.97 -10.06 -0.54
C HIS A 47 -10.29 -9.62 -1.99
N HIS A 48 -9.60 -10.19 -2.95
CA HIS A 48 -9.66 -9.75 -4.37
C HIS A 48 -9.61 -11.04 -5.15
N ILE A 49 -10.61 -11.22 -6.01
N ILE A 49 -10.64 -11.26 -5.99
CA ILE A 49 -10.78 -12.39 -6.77
CA ILE A 49 -10.86 -12.49 -6.72
C ILE A 49 -10.89 -11.95 -8.20
C ILE A 49 -11.08 -12.15 -8.20
N ASP A 50 -10.18 -12.70 -9.04
CA ASP A 50 -10.10 -12.40 -10.47
C ASP A 50 -10.66 -13.52 -11.31
N SER A 51 -11.73 -13.20 -12.06
CA SER A 51 -12.25 -14.13 -12.99
C SER A 51 -12.62 -13.46 -14.31
N ALA A 52 -13.43 -14.18 -15.08
CA ALA A 52 -13.75 -13.80 -16.42
C ALA A 52 -14.82 -14.73 -17.06
N HIS A 53 -15.66 -14.16 -17.90
CA HIS A 53 -16.63 -14.98 -18.69
C HIS A 53 -15.94 -16.21 -19.37
N VAL A 54 -14.83 -15.94 -20.01
CA VAL A 54 -14.15 -16.96 -20.86
C VAL A 54 -13.55 -18.11 -20.05
N TYR A 55 -13.36 -17.92 -18.74
CA TYR A 55 -12.85 -18.97 -17.87
C TYR A 55 -13.85 -20.06 -17.60
N ASN A 56 -15.12 -19.80 -17.88
CA ASN A 56 -16.15 -20.83 -17.67
C ASN A 56 -16.18 -21.42 -16.26
N ASN A 57 -15.99 -20.55 -15.26
CA ASN A 57 -15.99 -20.91 -13.85
C ASN A 57 -16.84 -19.92 -13.02
N GLU A 58 -17.49 -18.93 -13.62
CA GLU A 58 -18.21 -17.93 -12.85
C GLU A 58 -19.29 -18.54 -11.93
N GLU A 59 -19.95 -19.59 -12.39
CA GLU A 59 -20.95 -20.24 -11.54
C GLU A 59 -20.30 -20.76 -10.23
N GLN A 60 -19.17 -21.41 -10.38
CA GLN A 60 -18.41 -21.91 -9.25
C GLN A 60 -17.76 -20.84 -8.37
N VAL A 61 -17.14 -19.80 -8.98
CA VAL A 61 -16.52 -18.74 -8.25
C VAL A 61 -17.61 -17.92 -7.52
N GLY A 62 -18.74 -17.73 -8.17
CA GLY A 62 -19.89 -16.99 -7.58
C GLY A 62 -20.42 -17.75 -6.36
N LEU A 63 -20.62 -19.04 -6.53
CA LEU A 63 -21.04 -19.85 -5.38
C LEU A 63 -20.07 -19.75 -4.20
N ALA A 64 -18.75 -19.79 -4.48
CA ALA A 64 -17.77 -19.65 -3.37
C ALA A 64 -17.96 -18.36 -2.59
N ILE A 65 -18.10 -17.29 -3.37
CA ILE A 65 -18.25 -15.99 -2.81
C ILE A 65 -19.56 -15.89 -2.00
N ARG A 66 -20.68 -16.31 -2.62
N ARG A 66 -20.68 -16.30 -2.61
CA ARG A 66 -21.96 -16.28 -1.94
CA ARG A 66 -21.97 -16.26 -1.96
C ARG A 66 -21.94 -17.08 -0.66
C ARG A 66 -21.97 -17.09 -0.68
N SER A 67 -21.23 -18.19 -0.72
CA SER A 67 -21.12 -19.10 0.41
C SER A 67 -20.41 -18.44 1.59
N LYS A 68 -19.28 -17.79 1.35
CA LYS A 68 -18.55 -17.12 2.37
C LYS A 68 -19.19 -15.84 2.92
N ILE A 69 -20.13 -15.25 2.17
CA ILE A 69 -20.92 -14.14 2.65
C ILE A 69 -22.06 -14.71 3.49
N ALA A 70 -22.78 -15.66 2.95
CA ALA A 70 -23.92 -16.25 3.64
C ALA A 70 -23.54 -16.95 4.94
N ASP A 71 -22.29 -17.30 5.12
CA ASP A 71 -21.88 -17.96 6.34
C ASP A 71 -21.18 -17.08 7.36
N GLY A 72 -21.02 -15.83 7.01
CA GLY A 72 -20.59 -14.83 7.96
C GLY A 72 -19.12 -14.62 7.97
N SER A 73 -18.37 -15.32 7.11
CA SER A 73 -16.94 -15.17 7.13
C SER A 73 -16.53 -13.85 6.57
N VAL A 74 -17.31 -13.32 5.63
CA VAL A 74 -16.96 -12.07 4.98
C VAL A 74 -18.22 -11.28 4.54
N LYS A 75 -18.10 -9.96 4.45
CA LYS A 75 -19.14 -9.14 3.86
C LYS A 75 -18.84 -8.86 2.37
N ARG A 76 -19.88 -8.64 1.57
CA ARG A 76 -19.68 -8.31 0.15
C ARG A 76 -18.73 -7.16 -0.07
N GLU A 77 -18.83 -6.15 0.77
CA GLU A 77 -17.99 -4.97 0.62
C GLU A 77 -16.54 -5.29 0.91
N ASP A 78 -16.20 -6.47 1.46
CA ASP A 78 -14.79 -6.79 1.64
C ASP A 78 -14.32 -7.84 0.70
N ILE A 79 -15.07 -8.03 -0.38
CA ILE A 79 -14.64 -8.82 -1.54
C ILE A 79 -14.63 -7.87 -2.72
N PHE A 80 -13.51 -7.88 -3.43
CA PHE A 80 -13.32 -7.15 -4.68
C PHE A 80 -13.30 -8.18 -5.77
N TYR A 81 -14.40 -8.25 -6.52
CA TYR A 81 -14.58 -9.27 -7.53
C TYR A 81 -14.41 -8.64 -8.91
N THR A 82 -13.56 -9.26 -9.72
CA THR A 82 -13.37 -8.83 -11.08
C THR A 82 -13.90 -9.80 -12.11
N SER A 83 -14.61 -9.30 -13.10
CA SER A 83 -14.96 -10.09 -14.30
C SER A 83 -14.41 -9.37 -15.51
N LYS A 84 -14.52 -10.03 -16.66
CA LYS A 84 -13.98 -9.51 -17.90
C LYS A 84 -14.95 -9.87 -19.05
N LEU A 85 -15.11 -8.83 -19.86
CA LEU A 85 -15.88 -8.81 -21.05
C LEU A 85 -15.10 -9.56 -22.15
N TRP A 86 -15.72 -10.60 -22.67
CA TRP A 86 -15.03 -11.49 -23.68
C TRP A 86 -15.25 -10.86 -25.07
N SER A 87 -14.37 -11.16 -26.02
CA SER A 87 -14.26 -10.52 -27.31
C SER A 87 -15.41 -10.80 -28.26
N ASN A 88 -16.24 -11.78 -27.94
CA ASN A 88 -17.51 -11.94 -28.69
C ASN A 88 -18.59 -10.91 -28.32
N SER A 89 -18.34 -10.09 -27.29
CA SER A 89 -19.28 -9.08 -26.90
C SER A 89 -18.74 -7.67 -26.88
N HIS A 90 -17.75 -7.39 -27.74
CA HIS A 90 -17.26 -6.05 -27.89
C HIS A 90 -18.25 -5.04 -28.50
N ARG A 91 -19.22 -5.48 -29.31
CA ARG A 91 -20.10 -4.50 -29.92
C ARG A 91 -20.87 -3.81 -28.80
N PRO A 92 -21.03 -2.50 -28.90
CA PRO A 92 -21.55 -1.75 -27.74
C PRO A 92 -22.87 -2.27 -27.19
N GLU A 93 -23.78 -2.66 -28.06
CA GLU A 93 -25.08 -3.13 -27.59
C GLU A 93 -25.04 -4.47 -26.91
N LEU A 94 -23.87 -5.15 -26.98
CA LEU A 94 -23.68 -6.45 -26.37
C LEU A 94 -22.93 -6.38 -25.05
N VAL A 95 -22.35 -5.25 -24.74
CA VAL A 95 -21.52 -5.14 -23.50
C VAL A 95 -22.30 -5.32 -22.24
N ARG A 96 -23.35 -4.57 -22.08
CA ARG A 96 -24.17 -4.72 -20.89
C ARG A 96 -24.82 -6.09 -20.73
N PRO A 97 -25.38 -6.66 -21.83
CA PRO A 97 -25.89 -8.00 -21.69
C PRO A 97 -24.82 -9.04 -21.30
N ALA A 98 -23.58 -8.85 -21.71
CA ALA A 98 -22.56 -9.80 -21.29
C ALA A 98 -22.30 -9.62 -19.76
N LEU A 99 -22.23 -8.41 -19.30
CA LEU A 99 -22.06 -8.16 -17.83
C LEU A 99 -23.23 -8.79 -17.05
N GLU A 100 -24.44 -8.54 -17.52
CA GLU A 100 -25.62 -9.15 -16.93
C GLU A 100 -25.63 -10.67 -16.90
N ARG A 101 -25.14 -11.35 -17.95
N ARG A 101 -25.12 -11.29 -17.96
CA ARG A 101 -25.08 -12.83 -17.89
CA ARG A 101 -24.99 -12.74 -18.04
C ARG A 101 -24.03 -13.27 -16.88
C ARG A 101 -24.05 -13.23 -16.94
N SER A 102 -22.90 -12.59 -16.85
CA SER A 102 -21.88 -12.89 -15.83
C SER A 102 -22.50 -12.75 -14.46
N LEU A 103 -23.22 -11.67 -14.23
CA LEU A 103 -23.84 -11.46 -12.90
C LEU A 103 -24.90 -12.52 -12.58
N LYS A 104 -25.67 -12.94 -13.59
CA LYS A 104 -26.64 -14.03 -13.41
C LYS A 104 -25.93 -15.36 -13.09
N ASN A 105 -24.83 -15.63 -13.75
CA ASN A 105 -24.12 -16.86 -13.49
C ASN A 105 -23.48 -16.85 -12.07
N LEU A 106 -22.98 -15.69 -11.68
CA LEU A 106 -22.37 -15.45 -10.33
C LEU A 106 -23.38 -15.36 -9.19
N GLN A 107 -24.63 -15.05 -9.52
CA GLN A 107 -25.60 -14.55 -8.55
C GLN A 107 -25.02 -13.47 -7.62
N LEU A 108 -24.40 -12.47 -8.23
CA LEU A 108 -23.96 -11.27 -7.56
C LEU A 108 -24.70 -10.11 -8.18
N ASP A 109 -24.85 -9.05 -7.43
CA ASP A 109 -25.59 -7.87 -7.90
C ASP A 109 -24.72 -6.93 -8.71
N TYR A 110 -23.42 -6.95 -8.45
CA TYR A 110 -22.48 -6.09 -9.12
C TYR A 110 -21.11 -6.78 -9.13
N VAL A 111 -20.30 -6.32 -10.06
CA VAL A 111 -18.86 -6.61 -10.00
C VAL A 111 -18.10 -5.38 -9.58
N ASP A 112 -17.00 -5.60 -8.85
CA ASP A 112 -16.21 -4.52 -8.45
C ASP A 112 -15.42 -3.92 -9.59
N LEU A 113 -15.04 -4.77 -10.55
CA LEU A 113 -14.26 -4.34 -11.67
C LEU A 113 -14.68 -5.16 -12.88
N TYR A 114 -14.81 -4.45 -14.02
CA TYR A 114 -15.09 -5.12 -15.29
C TYR A 114 -14.13 -4.63 -16.33
N LEU A 115 -13.48 -5.58 -17.02
CA LEU A 115 -12.34 -5.28 -17.88
C LEU A 115 -12.68 -5.67 -19.32
N ILE A 116 -12.13 -4.93 -20.27
CA ILE A 116 -12.09 -5.41 -21.70
C ILE A 116 -10.98 -6.42 -21.65
N HIS A 117 -11.33 -7.70 -21.85
CA HIS A 117 -10.38 -8.82 -21.64
C HIS A 117 -9.21 -8.81 -22.61
N PHE A 118 -9.52 -8.59 -23.87
CA PHE A 118 -8.53 -8.64 -24.94
C PHE A 118 -8.96 -7.75 -26.11
N PRO A 119 -8.04 -6.93 -26.66
CA PRO A 119 -8.44 -5.93 -27.65
C PRO A 119 -8.89 -6.42 -29.03
N VAL A 120 -8.68 -7.70 -29.33
CA VAL A 120 -9.13 -8.25 -30.64
C VAL A 120 -10.53 -8.84 -30.54
N SER A 121 -11.41 -8.32 -31.39
CA SER A 121 -12.79 -8.64 -31.35
C SER A 121 -13.06 -9.88 -32.20
N VAL A 122 -14.01 -10.72 -31.78
CA VAL A 122 -14.47 -11.83 -32.59
C VAL A 122 -15.97 -11.76 -32.76
N LYS A 123 -16.46 -12.52 -33.72
CA LYS A 123 -17.92 -12.52 -34.03
C LYS A 123 -18.84 -12.87 -32.88
N PRO A 124 -19.96 -12.14 -32.77
CA PRO A 124 -20.94 -12.39 -31.72
C PRO A 124 -21.59 -13.72 -31.79
N GLY A 125 -22.02 -14.20 -30.64
CA GLY A 125 -22.71 -15.47 -30.49
C GLY A 125 -22.24 -16.19 -29.25
N GLU A 126 -22.75 -17.42 -29.06
CA GLU A 126 -22.48 -18.17 -27.83
C GLU A 126 -21.01 -18.68 -27.74
N GLU A 127 -20.40 -18.95 -28.89
CA GLU A 127 -19.06 -19.51 -28.95
C GLU A 127 -18.09 -18.43 -28.65
N VAL A 128 -17.22 -18.74 -27.69
CA VAL A 128 -16.18 -17.80 -27.29
C VAL A 128 -15.00 -17.69 -28.29
N ILE A 129 -14.67 -18.80 -28.96
CA ILE A 129 -13.75 -18.71 -30.09
C ILE A 129 -14.47 -19.18 -31.36
N PRO A 130 -15.26 -18.32 -31.99
CA PRO A 130 -16.08 -18.77 -33.13
C PRO A 130 -15.18 -19.03 -34.33
N LYS A 131 -15.37 -20.16 -34.99
CA LYS A 131 -14.56 -20.50 -36.16
C LYS A 131 -15.43 -20.90 -37.33
N ASP A 132 -14.97 -20.64 -38.55
CA ASP A 132 -15.68 -21.08 -39.74
C ASP A 132 -15.35 -22.55 -40.01
N GLU A 133 -15.82 -23.10 -41.12
CA GLU A 133 -15.76 -24.51 -41.33
C GLU A 133 -14.35 -25.00 -41.60
N ASN A 134 -13.50 -24.06 -41.92
CA ASN A 134 -12.10 -24.34 -42.20
C ASN A 134 -11.20 -24.02 -41.02
N GLY A 135 -11.81 -23.86 -39.85
CA GLY A 135 -11.09 -23.58 -38.60
C GLY A 135 -10.55 -22.16 -38.40
N LYS A 136 -10.89 -21.20 -39.29
CA LYS A 136 -10.39 -19.86 -39.17
C LYS A 136 -11.21 -19.15 -38.12
N ILE A 137 -10.53 -18.45 -37.25
CA ILE A 137 -11.22 -17.59 -36.27
C ILE A 137 -11.99 -16.52 -36.99
N LEU A 138 -13.23 -16.36 -36.58
CA LEU A 138 -14.09 -15.30 -37.11
C LEU A 138 -13.89 -13.96 -36.41
N PHE A 139 -12.99 -13.14 -36.93
CA PHE A 139 -12.68 -11.86 -36.36
C PHE A 139 -13.79 -10.88 -36.74
N ASP A 140 -14.02 -9.91 -35.87
CA ASP A 140 -15.01 -8.84 -36.04
C ASP A 140 -14.29 -7.49 -36.04
N THR A 141 -14.88 -6.49 -36.67
CA THR A 141 -14.29 -5.16 -36.69
C THR A 141 -15.15 -4.30 -35.78
N VAL A 142 -14.60 -3.85 -34.67
CA VAL A 142 -15.34 -3.07 -33.67
C VAL A 142 -14.48 -1.91 -33.20
N ASP A 143 -15.10 -0.74 -33.02
CA ASP A 143 -14.39 0.39 -32.51
C ASP A 143 -14.39 0.27 -30.96
N LEU A 144 -13.21 0.03 -30.41
CA LEU A 144 -13.05 -0.15 -28.92
C LEU A 144 -13.38 1.11 -28.13
N CYS A 145 -13.32 2.29 -28.76
CA CYS A 145 -13.83 3.51 -28.12
C CYS A 145 -15.34 3.44 -27.89
N ALA A 146 -16.09 2.83 -28.80
CA ALA A 146 -17.52 2.56 -28.59
C ALA A 146 -17.74 1.45 -27.53
N THR A 147 -16.87 0.45 -27.54
CA THR A 147 -16.94 -0.57 -26.51
C THR A 147 -16.80 0.11 -25.13
N TRP A 148 -15.83 1.01 -25.05
CA TRP A 148 -15.53 1.74 -23.79
C TRP A 148 -16.69 2.59 -23.37
N GLU A 149 -17.38 3.25 -24.31
CA GLU A 149 -18.57 4.02 -23.88
C GLU A 149 -19.60 3.17 -23.23
N ALA A 150 -19.78 1.97 -23.79
CA ALA A 150 -20.73 1.01 -23.21
C ALA A 150 -20.24 0.55 -21.81
N MET A 151 -18.93 0.43 -21.62
CA MET A 151 -18.38 0.04 -20.30
C MET A 151 -18.74 1.15 -19.29
N GLU A 152 -18.43 2.40 -19.69
CA GLU A 152 -18.74 3.62 -18.95
C GLU A 152 -20.19 3.64 -18.52
N LYS A 153 -21.12 3.25 -19.40
CA LYS A 153 -22.52 3.15 -18.99
C LYS A 153 -22.83 2.08 -17.97
N CYS A 154 -22.12 0.98 -18.05
CA CYS A 154 -22.27 -0.06 -17.05
C CYS A 154 -21.81 0.46 -15.69
N LYS A 155 -20.79 1.32 -15.63
CA LYS A 155 -20.37 1.93 -14.33
C LYS A 155 -21.45 2.90 -13.86
N ASP A 156 -21.86 3.79 -14.72
CA ASP A 156 -23.03 4.63 -14.37
C ASP A 156 -24.28 3.87 -13.90
N ALA A 157 -24.49 2.64 -14.33
CA ALA A 157 -25.69 1.92 -13.89
C ALA A 157 -25.46 1.16 -12.60
N GLY A 158 -24.23 1.28 -12.06
CA GLY A 158 -23.84 0.56 -10.83
C GLY A 158 -23.49 -0.91 -10.93
N LEU A 159 -23.50 -1.45 -12.14
CA LEU A 159 -23.30 -2.89 -12.34
C LEU A 159 -21.83 -3.27 -12.21
N ALA A 160 -20.97 -2.33 -12.54
CA ALA A 160 -19.55 -2.41 -12.33
C ALA A 160 -19.12 -1.17 -11.54
N LYS A 161 -18.54 -1.37 -10.35
CA LYS A 161 -18.09 -0.23 -9.61
C LYS A 161 -16.99 0.53 -10.31
N SER A 162 -16.03 -0.23 -10.91
CA SER A 162 -14.94 0.34 -11.64
C SER A 162 -14.78 -0.44 -12.99
N ILE A 163 -14.12 0.20 -13.96
CA ILE A 163 -13.86 -0.40 -15.27
C ILE A 163 -12.44 -0.17 -15.67
N GLY A 164 -11.88 -1.14 -16.42
CA GLY A 164 -10.51 -1.06 -16.85
C GLY A 164 -10.32 -1.94 -18.05
N VAL A 165 -9.08 -2.17 -18.39
CA VAL A 165 -8.75 -2.94 -19.55
C VAL A 165 -7.71 -4.00 -19.15
N SER A 166 -7.47 -4.88 -20.11
CA SER A 166 -6.48 -5.91 -20.02
C SER A 166 -5.82 -6.13 -21.36
N ASN A 167 -4.52 -6.38 -21.32
CA ASN A 167 -3.71 -6.71 -22.50
C ASN A 167 -3.76 -5.59 -23.53
N PHE A 168 -3.88 -4.36 -23.02
CA PHE A 168 -3.69 -3.17 -23.83
C PHE A 168 -2.24 -2.72 -23.86
N ASN A 169 -1.79 -2.30 -25.02
CA ASN A 169 -0.47 -1.69 -25.18
C ASN A 169 -0.62 -0.17 -25.13
N HIS A 170 0.53 0.52 -25.18
CA HIS A 170 0.59 1.99 -25.14
C HIS A 170 -0.37 2.60 -26.14
N ARG A 171 -0.29 2.18 -27.41
CA ARG A 171 -1.18 2.78 -28.43
C ARG A 171 -2.68 2.66 -28.11
N LEU A 172 -3.09 1.46 -27.71
CA LEU A 172 -4.50 1.22 -27.41
C LEU A 172 -4.99 1.98 -26.17
N LEU A 173 -4.13 2.11 -25.16
CA LEU A 173 -4.50 2.92 -23.98
C LEU A 173 -4.74 4.37 -24.38
N GLU A 174 -3.80 4.88 -25.17
CA GLU A 174 -3.87 6.28 -25.62
C GLU A 174 -5.15 6.50 -26.39
N MET A 175 -5.55 5.49 -27.15
CA MET A 175 -6.77 5.58 -27.93
C MET A 175 -7.97 5.75 -27.00
N ILE A 176 -7.96 5.06 -25.88
CA ILE A 176 -8.97 5.33 -24.88
C ILE A 176 -8.78 6.69 -24.19
N LEU A 177 -7.56 6.99 -23.76
CA LEU A 177 -7.30 8.19 -22.94
C LEU A 177 -7.64 9.48 -23.72
N ASN A 178 -7.37 9.43 -25.03
CA ASN A 178 -7.53 10.58 -25.91
C ASN A 178 -8.87 10.63 -26.58
N LYS A 179 -9.79 9.80 -26.12
CA LYS A 179 -11.09 9.71 -26.72
C LYS A 179 -11.88 10.96 -26.43
N PRO A 180 -12.40 11.60 -27.48
CA PRO A 180 -13.34 12.69 -27.28
C PRO A 180 -14.50 12.27 -26.39
N GLY A 181 -14.88 13.13 -25.45
CA GLY A 181 -16.03 12.86 -24.59
C GLY A 181 -15.71 11.79 -23.51
N LEU A 182 -14.44 11.44 -23.35
CA LEU A 182 -14.06 10.38 -22.36
C LEU A 182 -14.62 10.71 -20.98
N LYS A 183 -15.43 9.83 -20.38
CA LYS A 183 -15.93 10.08 -19.02
C LYS A 183 -15.08 9.44 -17.90
N TYR A 184 -14.54 8.26 -18.14
CA TYR A 184 -13.79 7.51 -17.12
C TYR A 184 -12.60 6.86 -17.72
N LYS A 185 -11.43 7.16 -17.16
CA LYS A 185 -10.25 6.48 -17.52
C LYS A 185 -10.39 5.03 -17.06
N PRO A 186 -9.63 4.15 -17.70
CA PRO A 186 -9.48 2.81 -17.17
C PRO A 186 -8.81 2.93 -15.83
N VAL A 187 -9.34 2.21 -14.84
CA VAL A 187 -8.60 2.18 -13.53
C VAL A 187 -7.32 1.37 -13.57
N CYS A 188 -7.27 0.41 -14.48
CA CYS A 188 -6.14 -0.49 -14.54
C CYS A 188 -5.89 -1.01 -15.95
N ASN A 189 -4.72 -1.60 -16.12
CA ASN A 189 -4.40 -2.43 -17.25
C ASN A 189 -3.75 -3.73 -16.72
N GLN A 190 -4.52 -4.81 -16.80
CA GLN A 190 -4.07 -6.12 -16.40
C GLN A 190 -3.29 -6.79 -17.52
N VAL A 191 -2.03 -7.10 -17.23
CA VAL A 191 -1.12 -7.62 -18.24
C VAL A 191 -0.15 -8.58 -17.57
N GLU A 192 0.49 -9.37 -18.41
CA GLU A 192 1.54 -10.24 -17.95
C GLU A 192 2.73 -9.43 -17.33
N CYS A 193 3.22 -9.87 -16.19
CA CYS A 193 4.33 -9.12 -15.57
C CYS A 193 4.97 -9.96 -14.48
N HIS A 194 6.28 -10.06 -14.53
CA HIS A 194 7.07 -10.95 -13.67
C HIS A 194 8.53 -10.57 -13.87
N PRO A 195 9.46 -11.16 -13.09
CA PRO A 195 10.84 -10.69 -13.20
C PRO A 195 11.54 -11.02 -14.53
N TYR A 196 10.99 -11.92 -15.33
CA TYR A 196 11.54 -12.09 -16.72
C TYR A 196 10.90 -11.18 -17.78
N PHE A 197 9.83 -10.50 -17.37
CA PHE A 197 9.12 -9.53 -18.19
C PHE A 197 8.46 -8.41 -17.37
N ASN A 198 9.29 -7.46 -16.96
CA ASN A 198 8.94 -6.63 -15.82
C ASN A 198 8.18 -5.42 -16.21
N GLN A 199 7.98 -5.27 -17.53
CA GLN A 199 7.13 -4.20 -18.02
C GLN A 199 7.43 -2.78 -17.53
N ARG A 200 8.68 -2.48 -17.22
CA ARG A 200 9.05 -1.18 -16.71
C ARG A 200 8.50 -0.06 -17.55
N LYS A 201 8.65 -0.17 -18.87
CA LYS A 201 8.21 0.92 -19.72
C LYS A 201 6.70 1.20 -19.61
N LEU A 202 5.89 0.15 -19.72
CA LEU A 202 4.43 0.33 -19.62
C LEU A 202 3.97 0.64 -18.22
N LEU A 203 4.65 0.04 -17.25
CA LEU A 203 4.39 0.42 -15.85
C LEU A 203 4.54 1.93 -15.64
N ASP A 204 5.67 2.49 -16.08
CA ASP A 204 5.91 3.94 -15.96
C ASP A 204 4.87 4.74 -16.69
N PHE A 205 4.51 4.29 -17.90
CA PHE A 205 3.42 4.98 -18.60
C PHE A 205 2.14 4.99 -17.78
N CYS A 206 1.77 3.82 -17.27
CA CYS A 206 0.52 3.70 -16.51
C CYS A 206 0.61 4.58 -15.29
N LYS A 207 1.75 4.57 -14.60
CA LYS A 207 1.86 5.44 -13.41
C LYS A 207 1.60 6.88 -13.79
N SER A 208 2.21 7.32 -14.91
CA SER A 208 2.12 8.73 -15.35
C SER A 208 0.67 9.13 -15.55
N LYS A 209 -0.20 8.15 -15.81
CA LYS A 209 -1.62 8.40 -16.05
C LYS A 209 -2.51 7.91 -14.90
N ASP A 210 -1.88 7.54 -13.80
CA ASP A 210 -2.54 6.96 -12.62
C ASP A 210 -3.44 5.76 -12.93
N ILE A 211 -2.91 4.86 -13.72
CA ILE A 211 -3.57 3.65 -14.07
C ILE A 211 -2.74 2.66 -13.31
N VAL A 212 -3.42 1.78 -12.57
CA VAL A 212 -2.75 0.68 -11.90
C VAL A 212 -2.44 -0.52 -12.83
N LEU A 213 -1.18 -0.97 -12.84
CA LEU A 213 -0.83 -2.16 -13.57
C LEU A 213 -1.11 -3.33 -12.65
N VAL A 214 -1.97 -4.21 -13.14
CA VAL A 214 -2.29 -5.50 -12.46
C VAL A 214 -1.53 -6.61 -13.17
N ALA A 215 -0.67 -7.28 -12.43
CA ALA A 215 0.21 -8.32 -12.97
C ALA A 215 -0.40 -9.71 -12.94
N TYR A 216 -0.45 -10.34 -14.12
CA TYR A 216 -0.81 -11.70 -14.26
C TYR A 216 0.36 -12.56 -14.70
N SER A 217 0.24 -13.86 -14.55
CA SER A 217 1.37 -14.79 -14.71
C SER A 217 2.58 -14.28 -13.92
N ALA A 218 2.33 -13.74 -12.72
CA ALA A 218 3.39 -13.17 -11.89
C ALA A 218 4.33 -14.26 -11.35
N LEU A 219 3.85 -15.50 -11.27
CA LEU A 219 4.69 -16.67 -10.88
C LEU A 219 5.24 -17.43 -12.08
N GLY A 220 5.05 -16.86 -13.27
CA GLY A 220 5.60 -17.40 -14.53
C GLY A 220 4.65 -18.27 -15.35
N SER A 221 3.35 -18.11 -15.08
CA SER A 221 2.25 -18.80 -15.76
C SER A 221 2.05 -20.24 -15.32
N HIS A 222 0.84 -20.72 -15.59
CA HIS A 222 0.44 -22.17 -15.60
C HIS A 222 1.33 -23.03 -16.55
N ARG A 223 1.95 -22.41 -17.56
CA ARG A 223 2.81 -23.12 -18.54
C ARG A 223 2.07 -24.22 -19.35
N GLU A 224 0.78 -24.02 -19.55
CA GLU A 224 -0.14 -24.94 -20.20
C GLU A 224 0.07 -24.86 -21.73
N GLU A 225 0.33 -25.99 -22.37
CA GLU A 225 0.41 -26.04 -23.84
C GLU A 225 -0.99 -26.17 -24.39
N PRO A 226 -1.25 -25.59 -25.59
CA PRO A 226 -0.25 -24.96 -26.48
C PRO A 226 -0.05 -23.43 -26.26
N TRP A 227 -0.62 -22.88 -25.18
CA TRP A 227 -0.64 -21.42 -24.98
C TRP A 227 0.75 -20.85 -24.58
N VAL A 228 1.56 -21.68 -23.91
CA VAL A 228 2.90 -21.32 -23.42
C VAL A 228 3.94 -22.31 -23.94
N ASP A 229 5.00 -21.75 -24.52
CA ASP A 229 6.09 -22.47 -25.13
C ASP A 229 6.84 -23.21 -24.07
N PRO A 230 6.78 -24.57 -24.11
CA PRO A 230 7.44 -25.33 -23.05
C PRO A 230 8.97 -25.17 -23.04
N ASN A 231 9.54 -24.56 -24.07
CA ASN A 231 10.96 -24.20 -24.06
C ASN A 231 11.27 -22.93 -23.26
N SER A 232 10.25 -22.15 -22.88
CA SER A 232 10.47 -20.92 -22.15
C SER A 232 11.11 -21.25 -20.80
N PRO A 233 12.02 -20.38 -20.28
CA PRO A 233 12.62 -20.61 -18.94
C PRO A 233 11.58 -20.66 -17.78
N VAL A 234 11.84 -21.49 -16.76
CA VAL A 234 10.93 -21.65 -15.62
C VAL A 234 11.23 -20.56 -14.59
N LEU A 235 10.33 -19.60 -14.48
CA LEU A 235 10.60 -18.47 -13.62
C LEU A 235 10.99 -18.92 -12.22
N LEU A 236 10.22 -19.82 -11.61
CA LEU A 236 10.45 -20.10 -10.15
C LEU A 236 11.71 -20.91 -9.90
N GLU A 237 12.28 -21.43 -10.97
CA GLU A 237 13.59 -22.05 -10.93
C GLU A 237 14.74 -21.07 -11.08
N ASP A 238 14.47 -19.79 -11.13
CA ASP A 238 15.57 -18.83 -11.27
C ASP A 238 16.50 -18.86 -10.03
N PRO A 239 17.84 -18.87 -10.25
CA PRO A 239 18.75 -19.04 -9.09
C PRO A 239 18.87 -17.80 -8.18
N VAL A 240 18.71 -16.62 -8.74
CA VAL A 240 18.60 -15.41 -7.92
C VAL A 240 17.30 -15.39 -7.08
N LEU A 241 16.14 -15.68 -7.66
CA LEU A 241 14.92 -15.81 -6.85
C LEU A 241 15.03 -16.88 -5.78
N CYS A 242 15.65 -18.02 -6.11
CA CYS A 242 15.74 -19.15 -5.16
C CYS A 242 16.74 -18.84 -4.05
N ALA A 243 17.74 -18.02 -4.37
CA ALA A 243 18.71 -17.61 -3.38
C ALA A 243 18.12 -16.56 -2.45
N LEU A 244 17.42 -15.57 -3.00
CA LEU A 244 16.68 -14.64 -2.15
C LEU A 244 15.73 -15.42 -1.27
N ALA A 245 14.96 -16.32 -1.84
CA ALA A 245 14.07 -17.17 -1.04
C ALA A 245 14.75 -17.83 0.13
N LYS A 246 15.89 -18.42 -0.17
CA LYS A 246 16.59 -19.20 0.81
C LYS A 246 17.04 -18.26 1.91
N LYS A 247 17.56 -17.12 1.49
CA LYS A 247 17.99 -16.11 2.39
C LYS A 247 16.90 -15.56 3.32
N HIS A 248 15.66 -15.48 2.86
CA HIS A 248 14.58 -14.91 3.65
C HIS A 248 13.71 -15.98 4.32
N LYS A 249 14.11 -17.25 4.20
CA LYS A 249 13.26 -18.41 4.55
C LYS A 249 11.84 -18.23 3.96
N ARG A 250 11.77 -17.87 2.68
CA ARG A 250 10.49 -17.79 1.99
C ARG A 250 10.56 -18.68 0.75
N THR A 251 9.86 -18.38 -0.31
CA THR A 251 9.86 -19.21 -1.53
C THR A 251 10.06 -18.29 -2.73
N PRO A 252 10.51 -18.85 -3.88
CA PRO A 252 10.72 -17.92 -4.97
C PRO A 252 9.43 -17.26 -5.38
N ALA A 253 8.30 -17.97 -5.26
CA ALA A 253 7.00 -17.33 -5.53
C ALA A 253 6.73 -16.12 -4.67
N LEU A 254 6.99 -16.24 -3.37
CA LEU A 254 6.80 -15.07 -2.51
C LEU A 254 7.69 -13.90 -2.91
N ILE A 255 8.92 -14.22 -3.36
CA ILE A 255 9.85 -13.18 -3.76
C ILE A 255 9.32 -12.43 -4.98
N ALA A 256 8.79 -13.19 -5.95
CA ALA A 256 8.23 -12.62 -7.16
C ALA A 256 7.01 -11.76 -6.88
N LEU A 257 6.19 -12.25 -5.98
CA LEU A 257 5.03 -11.47 -5.56
C LEU A 257 5.41 -10.23 -4.80
N ARG A 258 6.36 -10.30 -3.86
CA ARG A 258 6.76 -9.12 -3.10
C ARG A 258 7.37 -8.06 -4.00
N TYR A 259 8.10 -8.52 -5.01
CA TYR A 259 8.76 -7.63 -5.97
C TYR A 259 7.70 -6.69 -6.59
N GLN A 260 6.58 -7.30 -7.00
CA GLN A 260 5.50 -6.49 -7.64
C GLN A 260 4.85 -5.53 -6.66
N LEU A 261 4.51 -6.00 -5.48
CA LEU A 261 3.97 -5.03 -4.53
C LEU A 261 4.91 -3.86 -4.29
N GLN A 262 6.21 -4.08 -4.16
CA GLN A 262 7.08 -2.94 -3.83
C GLN A 262 7.25 -1.96 -4.96
N ARG A 263 7.00 -2.40 -6.20
CA ARG A 263 7.20 -1.52 -7.33
C ARG A 263 5.93 -0.83 -7.71
N GLY A 264 4.89 -1.08 -6.93
CA GLY A 264 3.64 -0.37 -7.02
C GLY A 264 2.63 -1.10 -7.93
N VAL A 265 2.80 -2.40 -8.17
CA VAL A 265 1.93 -3.18 -9.06
C VAL A 265 0.93 -3.95 -8.15
N VAL A 266 -0.33 -4.07 -8.54
CA VAL A 266 -1.18 -5.06 -7.95
C VAL A 266 -0.94 -6.42 -8.58
N VAL A 267 -0.86 -7.47 -7.75
CA VAL A 267 -0.39 -8.73 -8.19
C VAL A 267 -1.42 -9.82 -7.98
N LEU A 268 -1.64 -10.66 -9.00
CA LEU A 268 -2.47 -11.83 -8.89
C LEU A 268 -1.60 -13.05 -8.75
N ALA A 269 -2.17 -14.07 -8.15
CA ALA A 269 -1.46 -15.35 -7.92
C ALA A 269 -2.53 -16.40 -7.98
N LYS A 270 -2.45 -17.36 -8.89
CA LYS A 270 -3.38 -18.49 -8.91
C LYS A 270 -2.76 -19.64 -8.19
N SER A 271 -3.51 -20.31 -7.33
CA SER A 271 -3.13 -21.64 -6.87
C SER A 271 -4.42 -22.34 -6.45
N TYR A 272 -4.49 -23.63 -6.70
CA TYR A 272 -5.63 -24.44 -6.29
C TYR A 272 -5.18 -25.39 -5.18
N ASN A 273 -3.96 -25.16 -4.71
CA ASN A 273 -3.35 -26.04 -3.72
C ASN A 273 -3.41 -25.40 -2.34
N GLU A 274 -4.04 -26.04 -1.36
CA GLU A 274 -4.32 -25.38 -0.07
C GLU A 274 -3.12 -24.73 0.60
N GLN A 275 -1.99 -25.43 0.59
CA GLN A 275 -0.75 -24.95 1.24
C GLN A 275 -0.23 -23.68 0.52
N ARG A 276 -0.27 -23.69 -0.81
CA ARG A 276 0.32 -22.60 -1.56
C ARG A 276 -0.62 -21.38 -1.53
N ILE A 277 -1.92 -21.62 -1.50
CA ILE A 277 -2.85 -20.54 -1.27
C ILE A 277 -2.55 -19.82 0.06
N ARG A 278 -2.34 -20.55 1.16
CA ARG A 278 -1.99 -19.93 2.47
C ARG A 278 -0.62 -19.25 2.43
N GLN A 279 0.30 -19.83 1.69
CA GLN A 279 1.61 -19.31 1.68
C GLN A 279 1.60 -17.98 0.94
N ASN A 280 0.83 -17.86 -0.13
CA ASN A 280 0.87 -16.63 -0.92
C ASN A 280 0.50 -15.33 -0.13
N VAL A 281 -0.42 -15.40 0.84
N VAL A 281 -0.40 -15.44 0.84
CA VAL A 281 -0.72 -14.20 1.64
CA VAL A 281 -0.76 -14.29 1.68
C VAL A 281 0.44 -13.78 2.56
C VAL A 281 0.40 -13.83 2.58
N GLN A 282 1.49 -14.59 2.66
CA GLN A 282 2.67 -14.21 3.44
C GLN A 282 3.47 -13.12 2.77
N VAL A 283 3.10 -12.74 1.56
CA VAL A 283 3.76 -11.63 0.94
C VAL A 283 3.73 -10.37 1.78
N PHE A 284 2.79 -10.28 2.72
CA PHE A 284 2.67 -9.12 3.57
C PHE A 284 3.52 -9.21 4.84
N GLU A 285 4.32 -10.28 4.97
CA GLU A 285 5.06 -10.54 6.21
C GLU A 285 6.51 -10.19 6.13
N PHE A 286 6.99 -9.76 4.98
CA PHE A 286 8.43 -9.49 4.87
C PHE A 286 8.60 -8.39 3.82
N GLN A 287 9.79 -7.84 3.72
CA GLN A 287 10.10 -6.79 2.77
C GLN A 287 11.47 -7.04 2.17
N LEU A 288 11.67 -6.48 0.97
CA LEU A 288 12.92 -6.58 0.22
C LEU A 288 13.64 -5.23 0.20
N THR A 289 14.96 -5.29 0.35
CA THR A 289 15.83 -4.12 0.33
C THR A 289 16.00 -3.55 -1.08
N SER A 290 16.54 -2.34 -1.19
CA SER A 290 16.72 -1.73 -2.53
C SER A 290 17.64 -2.60 -3.40
N GLU A 291 18.72 -3.09 -2.78
CA GLU A 291 19.66 -4.02 -3.43
C GLU A 291 19.01 -5.32 -3.95
N GLU A 292 18.12 -5.90 -3.13
CA GLU A 292 17.36 -7.05 -3.51
C GLU A 292 16.45 -6.73 -4.71
N MET A 293 15.75 -5.61 -4.63
CA MET A 293 14.91 -5.16 -5.69
C MET A 293 15.71 -4.99 -6.97
N LYS A 294 16.85 -4.32 -6.93
CA LYS A 294 17.70 -4.15 -8.11
C LYS A 294 18.13 -5.47 -8.71
N ALA A 295 18.45 -6.47 -7.86
CA ALA A 295 18.84 -7.77 -8.34
C ALA A 295 17.71 -8.41 -9.17
N ILE A 296 16.48 -8.23 -8.74
CA ILE A 296 15.35 -8.79 -9.45
C ILE A 296 15.06 -8.00 -10.72
N ASP A 297 15.25 -6.68 -10.68
CA ASP A 297 15.17 -5.90 -11.93
C ASP A 297 16.15 -6.45 -12.93
N GLY A 298 17.29 -6.96 -12.48
CA GLY A 298 18.29 -7.52 -13.39
C GLY A 298 17.93 -8.80 -14.13
N LEU A 299 16.83 -9.45 -13.72
CA LEU A 299 16.45 -10.72 -14.28
C LEU A 299 15.70 -10.54 -15.59
N ASN A 300 15.32 -9.29 -15.86
CA ASN A 300 14.45 -8.97 -16.96
C ASN A 300 15.02 -9.43 -18.30
N ARG A 301 14.22 -10.06 -19.13
CA ARG A 301 14.79 -10.61 -20.32
C ARG A 301 13.83 -10.71 -21.46
N ASN A 302 12.87 -9.80 -21.53
CA ASN A 302 12.00 -9.74 -22.70
C ASN A 302 11.26 -11.05 -23.02
N VAL A 303 11.08 -11.94 -22.02
CA VAL A 303 10.36 -13.23 -22.16
C VAL A 303 8.85 -13.07 -21.93
N ARG A 304 8.03 -13.07 -23.00
CA ARG A 304 6.56 -13.06 -22.82
C ARG A 304 6.00 -14.46 -22.95
N TYR A 305 5.40 -14.97 -21.88
CA TYR A 305 4.92 -16.34 -21.84
C TYR A 305 3.61 -16.51 -22.61
N LEU A 306 2.74 -15.49 -22.57
CA LEU A 306 1.39 -15.62 -23.04
C LEU A 306 1.19 -14.67 -24.21
N THR A 307 1.39 -15.19 -25.43
CA THR A 307 1.23 -14.37 -26.61
C THR A 307 -0.22 -14.33 -27.10
N LEU A 308 -1.05 -15.31 -26.72
CA LEU A 308 -2.40 -15.47 -27.33
C LEU A 308 -2.36 -15.28 -28.85
N ASP A 309 -1.42 -15.91 -29.53
CA ASP A 309 -1.21 -15.50 -30.92
C ASP A 309 -2.22 -16.15 -31.85
N ILE A 310 -3.16 -16.91 -31.32
CA ILE A 310 -4.30 -17.30 -32.14
C ILE A 310 -5.09 -16.05 -32.57
N PHE A 311 -4.94 -14.91 -31.86
CA PHE A 311 -5.59 -13.64 -32.24
C PHE A 311 -4.68 -12.69 -32.98
N ALA A 312 -3.49 -13.14 -33.38
CA ALA A 312 -2.59 -12.26 -34.13
C ALA A 312 -3.13 -12.08 -35.54
N GLY A 313 -2.86 -10.93 -36.15
CA GLY A 313 -3.23 -10.65 -37.56
C GLY A 313 -3.98 -9.34 -37.61
N PRO A 314 -5.14 -9.25 -36.95
CA PRO A 314 -5.90 -7.99 -36.88
C PRO A 314 -5.07 -6.86 -36.31
N PRO A 315 -5.40 -5.61 -36.70
CA PRO A 315 -4.60 -4.48 -36.27
C PRO A 315 -4.55 -4.30 -34.73
N ASN A 316 -5.58 -4.72 -34.00
CA ASN A 316 -5.60 -4.48 -32.53
C ASN A 316 -4.90 -5.54 -31.69
N TYR A 317 -4.30 -6.54 -32.33
CA TYR A 317 -3.46 -7.47 -31.62
C TYR A 317 -2.38 -6.63 -30.96
N PRO A 318 -2.23 -6.79 -29.64
CA PRO A 318 -1.47 -5.81 -28.88
C PRO A 318 0.05 -6.03 -28.78
N PHE A 319 0.49 -7.25 -29.04
CA PHE A 319 1.85 -7.59 -28.93
C PHE A 319 2.37 -7.57 -30.39
N SER B 3 -14.44 5.09 3.49
CA SER B 3 -14.64 3.76 4.16
C SER B 3 -13.37 2.85 4.16
N LYS B 4 -12.73 2.69 2.98
CA LYS B 4 -11.42 2.02 2.83
C LYS B 4 -10.32 3.05 2.68
N TYR B 5 -9.06 2.69 2.95
CA TYR B 5 -7.96 3.64 2.92
C TYR B 5 -6.65 2.81 2.98
N GLN B 6 -5.55 3.40 2.49
N GLN B 6 -5.55 3.31 2.46
CA GLN B 6 -4.31 2.67 2.22
CA GLN B 6 -4.38 2.46 2.39
C GLN B 6 -3.47 2.42 3.51
C GLN B 6 -3.86 2.23 3.83
N CYS B 7 -3.25 1.14 3.80
N CYS B 7 -3.64 0.96 4.17
CA CYS B 7 -2.56 0.74 5.01
CA CYS B 7 -2.90 0.53 5.38
C CYS B 7 -1.46 -0.24 4.69
C CYS B 7 -1.80 -0.46 4.96
N VAL B 8 -0.67 -0.48 5.70
CA VAL B 8 0.36 -1.48 5.64
C VAL B 8 0.23 -2.41 6.82
N LYS B 9 0.56 -3.68 6.58
CA LYS B 9 0.53 -4.71 7.61
C LYS B 9 1.82 -4.62 8.46
N LEU B 10 1.67 -4.42 9.76
CA LEU B 10 2.81 -4.36 10.66
C LEU B 10 3.24 -5.77 11.09
N ASN B 11 4.42 -5.83 11.66
CA ASN B 11 4.97 -7.11 12.03
C ASN B 11 4.29 -7.82 13.21
N ASP B 12 3.32 -7.17 13.85
CA ASP B 12 2.50 -7.84 14.81
C ASP B 12 1.11 -8.19 14.35
N GLY B 13 0.88 -8.09 13.04
CA GLY B 13 -0.47 -8.36 12.48
C GLY B 13 -1.40 -7.17 12.41
N HIS B 14 -1.11 -6.13 13.14
CA HIS B 14 -1.93 -4.87 13.04
C HIS B 14 -1.65 -4.06 11.78
N PHE B 15 -2.53 -3.12 11.46
CA PHE B 15 -2.43 -2.37 10.23
C PHE B 15 -2.30 -0.88 10.51
N MET B 16 -1.37 -0.21 9.79
CA MET B 16 -1.10 1.18 10.03
C MET B 16 -1.47 1.92 8.73
N PRO B 17 -2.36 2.90 8.80
CA PRO B 17 -2.52 3.83 7.65
C PRO B 17 -1.25 4.53 7.23
N VAL B 18 -1.02 4.57 5.93
CA VAL B 18 0.28 4.98 5.42
C VAL B 18 0.52 6.50 5.38
N LEU B 19 -0.53 7.29 5.56
CA LEU B 19 -0.39 8.74 5.72
C LEU B 19 -0.99 9.09 7.09
N GLY B 20 -0.11 9.64 7.89
CA GLY B 20 -0.48 10.18 9.21
C GLY B 20 -0.42 11.69 9.30
N PHE B 21 -1.21 12.17 10.26
CA PHE B 21 -1.27 13.58 10.60
C PHE B 21 -0.43 13.90 11.82
N GLY B 22 0.59 14.72 11.64
CA GLY B 22 1.39 15.21 12.77
C GLY B 22 0.68 16.32 13.56
N THR B 23 0.91 16.37 14.87
CA THR B 23 0.16 17.30 15.72
C THR B 23 1.02 18.24 16.56
N TYR B 24 2.34 18.22 16.45
CA TYR B 24 3.12 19.10 17.30
C TYR B 24 3.11 20.51 16.71
N ALA B 25 2.66 21.47 17.50
CA ALA B 25 2.77 22.89 17.16
C ALA B 25 3.46 23.59 18.32
N PRO B 26 4.24 24.66 18.07
CA PRO B 26 5.00 25.20 19.21
C PRO B 26 4.13 25.78 20.34
N ALA B 27 4.76 26.01 21.49
CA ALA B 27 4.05 26.43 22.70
C ALA B 27 3.30 27.75 22.50
N GLU B 28 3.82 28.61 21.63
CA GLU B 28 3.20 29.89 21.36
C GLU B 28 1.93 29.80 20.51
N VAL B 29 1.71 28.69 19.81
CA VAL B 29 0.39 28.44 19.19
C VAL B 29 -0.58 27.99 20.30
N PRO B 30 -1.80 28.59 20.37
CA PRO B 30 -2.77 28.10 21.38
C PRO B 30 -3.10 26.62 21.23
N LYS B 31 -3.19 25.93 22.37
CA LYS B 31 -3.55 24.53 22.42
C LYS B 31 -4.89 24.23 21.70
N SER B 32 -5.77 25.23 21.59
CA SER B 32 -7.02 25.11 20.82
C SER B 32 -6.80 24.85 19.30
N LYS B 33 -5.66 25.29 18.75
CA LYS B 33 -5.40 25.12 17.33
C LYS B 33 -5.18 23.63 17.00
N ALA B 34 -4.65 22.83 17.93
CA ALA B 34 -4.41 21.43 17.62
C ALA B 34 -5.75 20.71 17.58
N LEU B 35 -6.70 21.14 18.40
CA LEU B 35 -8.00 20.52 18.38
C LEU B 35 -8.67 20.75 17.04
N GLU B 36 -8.54 21.97 16.49
CA GLU B 36 -9.20 22.32 15.22
C GLU B 36 -8.56 21.48 14.09
N ALA B 37 -7.23 21.53 14.05
CA ALA B 37 -6.41 20.87 13.07
C ALA B 37 -6.68 19.38 12.96
N VAL B 38 -6.88 18.69 14.09
CA VAL B 38 -7.10 17.22 14.10
C VAL B 38 -8.50 16.94 13.54
N LYS B 39 -9.45 17.73 13.98
CA LYS B 39 -10.81 17.60 13.45
C LYS B 39 -10.86 17.71 11.93
N LEU B 40 -10.12 18.68 11.37
CA LEU B 40 -10.06 18.91 9.94
C LEU B 40 -9.32 17.75 9.21
N ALA B 41 -8.21 17.33 9.77
CA ALA B 41 -7.43 16.21 9.23
C ALA B 41 -8.31 14.98 9.05
N ILE B 42 -9.13 14.73 10.04
CA ILE B 42 -10.01 13.61 9.99
C ILE B 42 -11.04 13.78 8.88
N GLU B 43 -11.65 14.95 8.85
CA GLU B 43 -12.62 15.28 7.82
C GLU B 43 -12.07 15.05 6.44
N ALA B 44 -10.81 15.45 6.25
CA ALA B 44 -10.10 15.34 4.98
C ALA B 44 -9.72 13.90 4.64
N GLY B 45 -9.89 12.97 5.58
CA GLY B 45 -9.59 11.56 5.37
C GLY B 45 -8.27 11.05 5.91
N PHE B 46 -7.67 11.74 6.87
CA PHE B 46 -6.49 11.14 7.55
C PHE B 46 -7.10 10.14 8.55
N HIS B 47 -6.54 8.95 8.61
CA HIS B 47 -7.03 7.91 9.50
C HIS B 47 -5.97 7.54 10.53
N HIS B 48 -4.86 8.28 10.52
N HIS B 48 -4.86 8.27 10.54
CA HIS B 48 -3.68 8.09 11.37
CA HIS B 48 -3.73 8.03 11.43
C HIS B 48 -3.29 9.45 11.97
C HIS B 48 -3.24 9.40 11.96
N ILE B 49 -3.20 9.49 13.29
CA ILE B 49 -2.92 10.71 14.00
C ILE B 49 -1.78 10.44 14.98
N ASP B 50 -0.71 11.24 14.87
CA ASP B 50 0.52 11.13 15.65
C ASP B 50 0.67 12.25 16.69
N SER B 51 0.70 11.84 17.95
CA SER B 51 1.02 12.74 19.05
C SER B 51 2.05 12.13 20.02
N ALA B 52 2.13 12.73 21.20
CA ALA B 52 3.16 12.36 22.16
C ALA B 52 2.90 13.07 23.47
N HIS B 53 3.25 12.46 24.58
CA HIS B 53 3.20 13.23 25.89
C HIS B 53 3.90 14.61 25.81
N VAL B 54 5.08 14.63 25.23
CA VAL B 54 5.93 15.82 25.27
C VAL B 54 5.34 16.98 24.46
N TYR B 55 4.40 16.70 23.56
CA TYR B 55 3.80 17.74 22.72
C TYR B 55 2.82 18.56 23.50
N ASN B 56 2.42 18.09 24.68
CA ASN B 56 1.46 18.79 25.53
C ASN B 56 0.13 19.15 24.83
N ASN B 57 -0.40 18.21 24.08
CA ASN B 57 -1.65 18.43 23.34
C ASN B 57 -2.66 17.29 23.41
N GLU B 58 -2.33 16.21 24.14
CA GLU B 58 -3.21 15.04 24.11
C GLU B 58 -4.63 15.29 24.51
N GLU B 59 -4.81 16.12 25.52
CA GLU B 59 -6.15 16.47 25.93
C GLU B 59 -6.97 17.01 24.69
N GLN B 60 -6.34 17.83 23.87
CA GLN B 60 -7.04 18.44 22.73
C GLN B 60 -7.12 17.48 21.55
N VAL B 61 -6.06 16.72 21.34
CA VAL B 61 -6.10 15.75 20.27
C VAL B 61 -7.17 14.68 20.60
N GLY B 62 -7.27 14.28 21.87
CA GLY B 62 -8.26 13.25 22.29
C GLY B 62 -9.70 13.71 22.11
N LEU B 63 -9.91 14.98 22.42
CA LEU B 63 -11.23 15.58 22.30
C LEU B 63 -11.62 15.61 20.79
N ALA B 64 -10.69 16.06 19.94
CA ALA B 64 -10.89 16.05 18.46
C ALA B 64 -11.29 14.73 17.99
N ILE B 65 -10.51 13.73 18.30
CA ILE B 65 -10.83 12.38 17.93
C ILE B 65 -12.17 11.93 18.50
N ARG B 66 -12.41 12.16 19.77
CA ARG B 66 -13.63 11.64 20.40
C ARG B 66 -14.81 12.40 19.87
N SER B 67 -14.60 13.62 19.37
CA SER B 67 -15.75 14.40 18.89
C SER B 67 -16.11 13.87 17.49
N LYS B 68 -15.10 13.77 16.59
CA LYS B 68 -15.27 13.12 15.27
C LYS B 68 -15.82 11.72 15.36
N ILE B 69 -15.66 11.04 16.50
CA ILE B 69 -16.32 9.74 16.71
C ILE B 69 -17.72 9.95 17.09
N ALA B 70 -17.93 10.84 18.06
CA ALA B 70 -19.26 11.14 18.59
C ALA B 70 -20.26 11.52 17.49
N ASP B 71 -19.82 12.36 16.55
CA ASP B 71 -20.65 12.87 15.45
C ASP B 71 -20.69 12.00 14.16
N GLY B 72 -20.16 10.78 14.30
CA GLY B 72 -20.22 9.71 13.28
C GLY B 72 -19.29 9.89 12.08
N SER B 73 -18.41 10.90 12.08
CA SER B 73 -17.49 11.05 10.92
C SER B 73 -16.53 9.86 10.83
N VAL B 74 -16.24 9.20 11.97
CA VAL B 74 -15.35 8.03 12.00
C VAL B 74 -15.64 7.09 13.20
N LYS B 75 -15.29 5.81 13.06
CA LYS B 75 -15.31 4.86 14.21
C LYS B 75 -13.88 4.70 14.76
N ARG B 76 -13.81 4.23 15.97
CA ARG B 76 -12.53 4.16 16.77
C ARG B 76 -11.61 3.19 16.09
N GLU B 77 -12.19 2.12 15.56
CA GLU B 77 -11.35 1.14 14.80
C GLU B 77 -10.87 1.70 13.48
N ASP B 78 -11.41 2.84 13.03
CA ASP B 78 -10.88 3.50 11.88
C ASP B 78 -10.01 4.71 12.16
N ILE B 79 -9.58 4.86 13.42
CA ILE B 79 -8.53 5.81 13.73
C ILE B 79 -7.34 5.03 14.28
N PHE B 80 -6.15 5.42 13.80
CA PHE B 80 -4.91 4.83 14.32
C PHE B 80 -4.21 5.95 15.04
N TYR B 81 -4.22 5.87 16.36
CA TYR B 81 -3.64 6.88 17.22
C TYR B 81 -2.36 6.43 17.90
N THR B 82 -1.32 7.19 17.70
CA THR B 82 -0.01 7.03 18.28
C THR B 82 0.29 8.07 19.37
N SER B 83 0.80 7.54 20.48
CA SER B 83 1.44 8.32 21.55
C SER B 83 2.86 7.81 21.75
N LYS B 84 3.60 8.60 22.54
CA LYS B 84 5.01 8.38 22.72
C LYS B 84 5.37 8.60 24.17
N LEU B 85 6.10 7.61 24.66
CA LEU B 85 6.74 7.66 25.98
C LEU B 85 7.91 8.64 26.02
N TRP B 86 7.79 9.65 26.86
CA TRP B 86 8.88 10.66 27.04
C TRP B 86 9.98 10.11 27.91
N SER B 87 11.15 10.69 27.78
CA SER B 87 12.41 10.15 28.31
C SER B 87 12.52 10.27 29.84
N ASN B 88 11.61 11.01 30.46
CA ASN B 88 11.54 11.05 31.92
C ASN B 88 10.79 9.82 32.46
N SER B 89 10.21 8.98 31.59
CA SER B 89 9.51 7.78 32.03
C SER B 89 10.10 6.46 31.49
N HIS B 90 11.37 6.43 31.20
CA HIS B 90 12.02 5.21 30.76
C HIS B 90 12.14 4.13 31.79
N ARG B 91 12.16 4.48 33.07
CA ARG B 91 12.41 3.50 34.07
C ARG B 91 11.24 2.55 34.01
N PRO B 92 11.48 1.26 34.15
CA PRO B 92 10.42 0.26 33.85
C PRO B 92 9.14 0.41 34.63
N GLU B 93 9.26 0.74 35.92
CA GLU B 93 8.08 1.03 36.77
C GLU B 93 7.35 2.33 36.42
N LEU B 94 7.88 3.15 35.50
CA LEU B 94 7.24 4.40 35.13
C LEU B 94 6.49 4.29 33.77
N VAL B 95 6.73 3.25 33.04
CA VAL B 95 6.29 3.17 31.63
C VAL B 95 4.81 3.02 31.51
N ARG B 96 4.26 2.04 32.18
CA ARG B 96 2.77 1.93 32.15
C ARG B 96 2.03 3.12 32.73
N PRO B 97 2.43 3.68 33.90
CA PRO B 97 1.85 4.96 34.41
C PRO B 97 1.89 6.11 33.38
N ALA B 98 2.95 6.22 32.59
CA ALA B 98 3.01 7.25 31.58
C ALA B 98 1.93 7.04 30.49
N LEU B 99 1.79 5.79 30.09
CA LEU B 99 0.79 5.40 29.10
C LEU B 99 -0.60 5.63 29.70
N GLU B 100 -0.78 5.27 30.98
CA GLU B 100 -2.12 5.46 31.62
C GLU B 100 -2.45 6.93 31.70
N ARG B 101 -1.47 7.78 31.93
CA ARG B 101 -1.65 9.20 32.04
C ARG B 101 -2.05 9.79 30.68
N SER B 102 -1.31 9.41 29.64
CA SER B 102 -1.66 9.80 28.26
C SER B 102 -3.11 9.44 27.95
N LEU B 103 -3.45 8.21 28.26
CA LEU B 103 -4.80 7.71 28.05
C LEU B 103 -5.86 8.46 28.82
N LYS B 104 -5.52 8.87 30.03
CA LYS B 104 -6.49 9.67 30.83
C LYS B 104 -6.65 11.06 30.23
N ASN B 105 -5.57 11.64 29.69
CA ASN B 105 -5.66 12.92 29.00
C ASN B 105 -6.51 12.82 27.73
N LEU B 106 -6.30 11.76 26.97
CA LEU B 106 -7.09 11.44 25.74
C LEU B 106 -8.54 11.00 25.99
N GLN B 107 -8.83 10.54 27.21
CA GLN B 107 -10.00 9.73 27.53
C GLN B 107 -10.29 8.67 26.46
N LEU B 108 -9.28 7.89 26.13
CA LEU B 108 -9.37 6.71 25.28
C LEU B 108 -8.96 5.51 26.09
N ASP B 109 -9.44 4.36 25.70
CA ASP B 109 -9.13 3.08 26.39
C ASP B 109 -7.78 2.51 25.98
N TYR B 110 -7.36 2.78 24.75
CA TYR B 110 -6.08 2.29 24.21
C TYR B 110 -5.49 3.23 23.18
N VAL B 111 -4.20 3.07 22.95
CA VAL B 111 -3.51 3.75 21.84
C VAL B 111 -3.27 2.64 20.81
N ASP B 112 -3.31 2.97 19.53
CA ASP B 112 -2.96 1.98 18.55
C ASP B 112 -1.50 1.69 18.51
N LEU B 113 -0.70 2.72 18.84
CA LEU B 113 0.77 2.64 18.85
C LEU B 113 1.37 3.46 19.98
N TYR B 114 2.37 2.87 20.64
CA TYR B 114 3.14 3.55 21.68
C TYR B 114 4.61 3.36 21.38
N LEU B 115 5.33 4.48 21.24
CA LEU B 115 6.74 4.50 20.91
C LEU B 115 7.60 4.96 22.08
N ILE B 116 8.87 4.50 22.12
CA ILE B 116 9.90 5.15 22.92
C ILE B 116 10.30 6.36 22.06
N HIS B 117 9.98 7.55 22.55
CA HIS B 117 10.10 8.77 21.76
C HIS B 117 11.54 9.08 21.36
N PHE B 118 12.44 8.92 22.30
CA PHE B 118 13.85 9.28 22.16
C PHE B 118 14.77 8.44 23.08
N PRO B 119 15.92 7.96 22.55
CA PRO B 119 16.52 6.89 23.33
C PRO B 119 17.37 7.36 24.50
N VAL B 120 17.64 8.65 24.62
CA VAL B 120 18.32 9.19 25.78
C VAL B 120 17.31 9.39 26.93
N SER B 121 17.66 8.98 28.16
CA SER B 121 16.80 9.16 29.31
C SER B 121 17.14 10.41 30.09
N VAL B 122 16.13 11.00 30.71
CA VAL B 122 16.28 12.11 31.62
C VAL B 122 15.65 11.78 32.95
N LYS B 123 16.07 12.52 33.99
CA LYS B 123 15.53 12.30 35.35
C LYS B 123 14.00 12.35 35.45
N PRO B 124 13.41 11.41 36.20
CA PRO B 124 11.99 11.44 36.36
C PRO B 124 11.50 12.70 37.09
N GLY B 125 10.24 13.01 36.82
CA GLY B 125 9.56 14.20 37.39
C GLY B 125 8.73 14.86 36.31
N GLU B 126 8.10 15.99 36.71
CA GLU B 126 7.19 16.62 35.80
C GLU B 126 7.90 17.27 34.61
N GLU B 127 9.04 17.90 34.85
CA GLU B 127 9.73 18.61 33.77
C GLU B 127 10.23 17.68 32.67
N VAL B 128 9.90 17.98 31.42
CA VAL B 128 10.33 17.13 30.32
C VAL B 128 11.79 17.32 29.94
N ILE B 129 12.32 18.49 30.19
CA ILE B 129 13.75 18.70 30.03
C ILE B 129 14.38 19.26 31.30
N PRO B 130 14.57 18.41 32.29
CA PRO B 130 15.06 18.91 33.59
C PRO B 130 16.51 19.39 33.50
N LYS B 131 16.85 20.45 34.22
CA LYS B 131 18.21 21.00 34.19
C LYS B 131 18.71 21.22 35.54
N ASP B 132 20.02 21.09 35.67
CA ASP B 132 20.71 21.33 36.91
C ASP B 132 21.05 22.83 37.11
N GLU B 133 21.72 23.13 38.24
CA GLU B 133 22.12 24.48 38.64
C GLU B 133 23.01 25.20 37.62
N ASN B 134 23.67 24.45 36.77
CA ASN B 134 24.56 25.02 35.74
C ASN B 134 23.87 25.07 34.39
N GLY B 135 22.58 24.76 34.38
CA GLY B 135 21.82 24.77 33.08
C GLY B 135 22.04 23.55 32.18
N LYS B 136 22.63 22.47 32.70
CA LYS B 136 22.91 21.30 31.89
C LYS B 136 21.79 20.29 32.18
N ILE B 137 21.47 19.50 31.17
CA ILE B 137 20.37 18.55 31.30
C ILE B 137 20.66 17.47 32.33
N LEU B 138 19.63 17.13 33.10
CA LEU B 138 19.73 16.10 34.10
C LEU B 138 19.38 14.76 33.45
N PHE B 139 20.40 14.21 32.77
CA PHE B 139 20.33 12.90 32.20
C PHE B 139 20.20 11.82 33.28
N ASP B 140 19.63 10.71 32.86
CA ASP B 140 19.45 9.52 33.67
C ASP B 140 20.16 8.37 32.92
N THR B 141 20.27 7.27 33.61
CA THR B 141 20.79 6.05 32.99
C THR B 141 19.69 4.95 33.20
N VAL B 142 19.17 4.44 32.10
CA VAL B 142 18.12 3.40 32.07
C VAL B 142 18.44 2.38 31.00
N ASP B 143 18.48 1.09 31.35
CA ASP B 143 18.61 0.03 30.37
C ASP B 143 17.35 0.01 29.47
N LEU B 144 17.57 0.41 28.22
CA LEU B 144 16.44 0.34 27.19
C LEU B 144 15.79 -1.03 27.03
N CYS B 145 16.55 -2.13 27.19
CA CYS B 145 15.98 -3.43 27.19
C CYS B 145 14.88 -3.59 28.30
N ALA B 146 15.12 -3.01 29.45
CA ALA B 146 14.15 -3.02 30.53
C ALA B 146 12.97 -2.11 30.20
N THR B 147 13.21 -1.00 29.56
CA THR B 147 12.08 -0.08 29.14
C THR B 147 11.27 -0.90 28.10
N TRP B 148 11.94 -1.61 27.19
CA TRP B 148 11.22 -2.36 26.13
C TRP B 148 10.37 -3.49 26.75
N GLU B 149 10.91 -4.19 27.76
CA GLU B 149 10.11 -5.19 28.43
C GLU B 149 8.85 -4.58 29.05
N ALA B 150 8.99 -3.37 29.58
CA ALA B 150 7.83 -2.64 30.15
C ALA B 150 6.83 -2.28 29.09
N MET B 151 7.34 -1.87 27.91
CA MET B 151 6.42 -1.63 26.71
C MET B 151 5.66 -2.89 26.30
N GLU B 152 6.34 -4.04 26.28
CA GLU B 152 5.70 -5.24 26.01
C GLU B 152 4.57 -5.57 26.89
N LYS B 153 4.76 -5.31 28.19
CA LYS B 153 3.70 -5.53 29.14
C LYS B 153 2.47 -4.62 28.86
N CYS B 154 2.71 -3.42 28.36
CA CYS B 154 1.65 -2.49 27.98
C CYS B 154 0.85 -3.05 26.82
N LYS B 155 1.53 -3.69 25.84
CA LYS B 155 0.81 -4.34 24.71
C LYS B 155 0.00 -5.53 25.28
N ASP B 156 0.61 -6.33 26.13
CA ASP B 156 -0.12 -7.47 26.66
C ASP B 156 -1.31 -7.10 27.49
N ALA B 157 -1.23 -5.97 28.14
CA ALA B 157 -2.36 -5.48 28.94
C ALA B 157 -3.44 -4.88 28.07
N GLY B 158 -3.20 -4.80 26.77
CA GLY B 158 -4.19 -4.18 25.87
C GLY B 158 -4.22 -2.64 25.79
N LEU B 159 -3.35 -1.95 26.48
CA LEU B 159 -3.33 -0.48 26.52
C LEU B 159 -2.75 0.13 25.26
N ALA B 160 -1.88 -0.64 24.65
CA ALA B 160 -1.30 -0.35 23.35
C ALA B 160 -1.47 -1.52 22.42
N LYS B 161 -1.99 -1.28 21.24
CA LYS B 161 -2.17 -2.37 20.30
C LYS B 161 -0.88 -2.83 19.71
N SER B 162 -0.03 -1.84 19.37
CA SER B 162 1.29 -2.11 18.88
C SER B 162 2.31 -1.18 19.62
N ILE B 163 3.55 -1.62 19.63
CA ILE B 163 4.62 -0.87 20.21
C ILE B 163 5.78 -0.69 19.25
N GLY B 164 6.44 0.44 19.39
CA GLY B 164 7.53 0.78 18.47
C GLY B 164 8.53 1.71 19.04
N VAL B 165 9.45 2.19 18.21
CA VAL B 165 10.42 3.14 18.66
C VAL B 165 10.48 4.36 17.69
N SER B 166 11.16 5.38 18.17
CA SER B 166 11.47 6.59 17.38
C SER B 166 12.91 7.05 17.61
N ASN B 167 13.56 7.57 16.56
CA ASN B 167 14.89 8.11 16.73
C ASN B 167 15.93 7.11 17.18
N PHE B 168 15.75 5.87 16.74
CA PHE B 168 16.69 4.78 16.97
C PHE B 168 17.55 4.65 15.76
N ASN B 169 18.81 4.38 16.04
CA ASN B 169 19.78 4.04 15.00
C ASN B 169 19.92 2.53 14.90
N HIS B 170 20.79 2.07 14.02
CA HIS B 170 21.03 0.66 13.79
C HIS B 170 21.44 -0.05 15.08
N ARG B 171 22.40 0.50 15.80
CA ARG B 171 22.87 -0.10 17.02
C ARG B 171 21.76 -0.32 18.02
N LEU B 172 20.96 0.70 18.19
CA LEU B 172 19.88 0.66 19.20
C LEU B 172 18.77 -0.30 18.77
N LEU B 173 18.44 -0.34 17.46
CA LEU B 173 17.50 -1.38 16.97
C LEU B 173 18.01 -2.80 17.24
N GLU B 174 19.26 -3.01 16.96
CA GLU B 174 19.86 -4.33 17.21
C GLU B 174 19.81 -4.69 18.69
N MET B 175 19.98 -3.69 19.55
CA MET B 175 19.97 -4.01 21.01
C MET B 175 18.59 -4.60 21.31
N ILE B 176 17.55 -4.00 20.73
CA ILE B 176 16.19 -4.53 20.98
C ILE B 176 15.95 -5.86 20.27
N LEU B 177 16.29 -5.91 18.98
CA LEU B 177 16.03 -7.06 18.22
C LEU B 177 16.73 -8.32 18.76
N ASN B 178 17.94 -8.15 19.30
CA ASN B 178 18.68 -9.27 19.87
C ASN B 178 18.53 -9.47 21.37
N LYS B 179 17.62 -8.72 21.99
CA LYS B 179 17.36 -8.81 23.42
C LYS B 179 16.92 -10.23 23.81
N PRO B 180 17.51 -10.78 24.87
CA PRO B 180 17.13 -12.11 25.30
C PRO B 180 15.69 -12.14 25.73
N GLY B 181 14.99 -13.13 25.21
CA GLY B 181 13.55 -13.38 25.53
C GLY B 181 12.62 -12.33 24.93
N LEU B 182 13.07 -11.59 23.93
CA LEU B 182 12.22 -10.66 23.19
C LEU B 182 10.85 -11.28 22.89
N LYS B 183 9.79 -10.53 23.17
CA LYS B 183 8.43 -10.96 22.87
C LYS B 183 7.89 -10.32 21.62
N TYR B 184 8.08 -9.02 21.47
CA TYR B 184 7.55 -8.24 20.33
C TYR B 184 8.63 -7.38 19.73
N LYS B 185 8.88 -7.54 18.43
CA LYS B 185 9.77 -6.59 17.77
C LYS B 185 9.11 -5.21 17.80
N PRO B 186 9.87 -4.12 17.65
CA PRO B 186 9.27 -2.82 17.33
C PRO B 186 8.55 -2.87 15.94
N VAL B 187 7.35 -2.34 15.84
CA VAL B 187 6.63 -2.43 14.53
C VAL B 187 7.19 -1.37 13.59
N CYS B 188 7.81 -0.38 14.19
CA CYS B 188 8.28 0.78 13.45
C CYS B 188 9.42 1.48 14.09
N ASN B 189 10.07 2.34 13.29
CA ASN B 189 11.06 3.32 13.75
C ASN B 189 10.72 4.64 13.12
N GLN B 190 10.21 5.56 13.91
CA GLN B 190 9.81 6.85 13.41
C GLN B 190 11.02 7.81 13.45
N VAL B 191 11.48 8.26 12.29
CA VAL B 191 12.72 9.06 12.22
C VAL B 191 12.58 10.18 11.22
N GLU B 192 13.56 11.08 11.21
CA GLU B 192 13.50 12.17 10.22
C GLU B 192 13.78 11.53 8.89
N CYS B 193 13.00 11.88 7.87
CA CYS B 193 13.30 11.36 6.53
C CYS B 193 12.65 12.22 5.43
N HIS B 194 13.42 12.54 4.39
CA HIS B 194 12.96 13.53 3.35
C HIS B 194 13.98 13.52 2.23
N PRO B 195 13.75 14.30 1.16
CA PRO B 195 14.66 14.09 0.01
C PRO B 195 16.12 14.57 0.18
N TYR B 196 16.34 15.46 1.15
CA TYR B 196 17.70 15.81 1.55
C TYR B 196 18.36 14.86 2.56
N PHE B 197 17.56 14.00 3.19
CA PHE B 197 18.03 12.99 4.13
C PHE B 197 17.19 11.73 3.97
N ASN B 198 17.51 10.89 2.97
CA ASN B 198 16.53 9.92 2.54
C ASN B 198 16.60 8.58 3.29
N GLN B 199 17.64 8.41 4.12
CA GLN B 199 17.75 7.31 5.08
C GLN B 199 17.82 5.92 4.44
N ARG B 200 18.38 5.83 3.27
CA ARG B 200 18.35 4.63 2.50
C ARG B 200 19.02 3.50 3.23
N LYS B 201 20.12 3.74 3.94
CA LYS B 201 20.78 2.69 4.69
C LYS B 201 19.83 2.17 5.82
N LEU B 202 19.21 3.11 6.54
CA LEU B 202 18.41 2.74 7.69
C LEU B 202 17.11 2.15 7.19
N LEU B 203 16.53 2.72 6.14
CA LEU B 203 15.34 2.11 5.52
C LEU B 203 15.55 0.67 5.10
N ASP B 204 16.66 0.39 4.40
CA ASP B 204 16.93 -0.97 4.02
C ASP B 204 17.08 -1.86 5.25
N PHE B 205 17.75 -1.38 6.30
CA PHE B 205 17.93 -2.24 7.46
C PHE B 205 16.55 -2.58 8.05
N CYS B 206 15.72 -1.55 8.16
CA CYS B 206 14.34 -1.70 8.67
C CYS B 206 13.51 -2.68 7.85
N LYS B 207 13.53 -2.49 6.54
CA LYS B 207 12.92 -3.42 5.63
C LYS B 207 13.42 -4.83 5.88
N SER B 208 14.72 -5.02 6.10
CA SER B 208 15.24 -6.39 6.26
C SER B 208 14.72 -7.13 7.54
N LYS B 209 14.19 -6.35 8.48
CA LYS B 209 13.64 -6.83 9.74
C LYS B 209 12.16 -6.68 9.81
N ASP B 210 11.52 -6.38 8.71
CA ASP B 210 10.06 -6.06 8.68
C ASP B 210 9.62 -4.99 9.74
N ILE B 211 10.47 -3.96 9.92
CA ILE B 211 10.13 -2.77 10.64
C ILE B 211 9.80 -1.68 9.65
N VAL B 212 8.66 -1.03 9.85
CA VAL B 212 8.25 0.14 9.03
C VAL B 212 8.96 1.44 9.46
N LEU B 213 9.59 2.11 8.52
CA LEU B 213 10.17 3.40 8.78
C LEU B 213 9.04 4.41 8.59
N VAL B 214 8.77 5.14 9.65
CA VAL B 214 7.83 6.27 9.66
C VAL B 214 8.60 7.59 9.58
N ALA B 215 8.27 8.40 8.56
CA ALA B 215 9.05 9.59 8.24
C ALA B 215 8.41 10.79 8.86
N TYR B 216 9.21 11.51 9.62
CA TYR B 216 8.84 12.84 10.03
C TYR B 216 9.72 13.90 9.37
N SER B 217 9.23 15.13 9.46
CA SER B 217 9.82 16.26 8.77
C SER B 217 9.94 15.88 7.31
N ALA B 218 8.94 15.16 6.83
CA ALA B 218 8.86 14.67 5.43
C ALA B 218 8.85 15.88 4.47
N LEU B 219 8.32 17.01 4.95
CA LEU B 219 8.22 18.29 4.17
C LEU B 219 9.31 19.31 4.50
N GLY B 220 10.36 18.88 5.22
CA GLY B 220 11.48 19.74 5.60
C GLY B 220 11.43 20.30 7.03
N SER B 221 10.43 19.92 7.82
CA SER B 221 10.33 20.32 9.24
C SER B 221 9.73 21.70 9.41
N HIS B 222 9.18 21.90 10.60
CA HIS B 222 8.74 23.22 11.15
C HIS B 222 9.72 24.39 10.95
N ARG B 223 11.03 24.11 10.88
CA ARG B 223 12.11 25.11 10.78
C ARG B 223 12.29 26.00 12.03
N GLU B 224 11.55 25.65 13.09
CA GLU B 224 11.48 26.38 14.35
C GLU B 224 12.83 26.38 15.12
N GLU B 225 13.17 27.54 15.64
CA GLU B 225 14.42 27.71 16.39
C GLU B 225 14.12 27.63 17.89
N PRO B 226 15.14 27.27 18.71
CA PRO B 226 16.52 26.86 18.34
C PRO B 226 16.68 25.44 17.75
N TRP B 227 15.58 24.69 17.57
CA TRP B 227 15.65 23.23 17.25
C TRP B 227 16.17 22.94 15.82
N VAL B 228 15.80 23.79 14.86
CA VAL B 228 16.25 23.68 13.45
C VAL B 228 17.07 24.93 13.04
N ASP B 229 18.33 24.73 12.61
CA ASP B 229 19.20 25.81 12.14
C ASP B 229 18.61 26.50 10.89
N PRO B 230 18.06 27.73 11.04
CA PRO B 230 17.41 28.36 9.89
C PRO B 230 18.36 28.80 8.75
N ASN B 231 19.66 28.51 8.86
CA ASN B 231 20.59 28.51 7.68
C ASN B 231 20.40 27.30 6.74
N SER B 232 19.90 26.19 7.28
CA SER B 232 19.63 24.96 6.53
C SER B 232 18.73 25.22 5.29
N PRO B 233 18.97 24.48 4.17
CA PRO B 233 18.17 24.73 2.95
C PRO B 233 16.68 24.41 3.10
N VAL B 234 15.82 25.16 2.41
CA VAL B 234 14.40 24.89 2.45
C VAL B 234 14.11 23.83 1.39
N LEU B 235 13.69 22.67 1.90
CA LEU B 235 13.38 21.54 1.05
C LEU B 235 12.41 21.87 -0.08
N LEU B 236 11.32 22.57 0.29
CA LEU B 236 10.17 22.81 -0.58
C LEU B 236 10.36 23.91 -1.67
N GLU B 237 11.58 24.44 -1.73
CA GLU B 237 12.00 25.36 -2.75
C GLU B 237 13.03 24.66 -3.65
N ASP B 238 13.22 23.36 -3.50
CA ASP B 238 14.21 22.68 -4.28
C ASP B 238 13.76 22.73 -5.74
N PRO B 239 14.69 22.98 -6.68
CA PRO B 239 14.35 23.10 -8.11
C PRO B 239 13.76 21.83 -8.74
N VAL B 240 14.42 20.69 -8.55
CA VAL B 240 13.92 19.39 -9.02
C VAL B 240 12.50 19.14 -8.51
N LEU B 241 12.25 19.28 -7.20
CA LEU B 241 10.89 19.09 -6.64
C LEU B 241 9.88 20.08 -7.19
N CYS B 242 10.26 21.34 -7.25
CA CYS B 242 9.40 22.36 -7.88
C CYS B 242 9.11 22.01 -9.34
N ALA B 243 10.13 21.60 -10.09
CA ALA B 243 9.92 21.19 -11.50
C ALA B 243 8.92 20.01 -11.61
N LEU B 244 9.13 18.91 -10.86
CA LEU B 244 8.09 17.83 -10.76
C LEU B 244 6.72 18.33 -10.29
N ALA B 245 6.67 19.28 -9.40
CA ALA B 245 5.33 19.78 -8.96
C ALA B 245 4.57 20.46 -10.10
N LYS B 246 5.26 21.39 -10.75
CA LYS B 246 4.71 22.13 -11.89
C LYS B 246 4.12 21.09 -12.89
N LYS B 247 4.97 20.14 -13.26
CA LYS B 247 4.66 19.13 -14.29
C LYS B 247 3.46 18.23 -14.01
N HIS B 248 3.21 17.94 -12.72
CA HIS B 248 2.08 17.11 -12.30
C HIS B 248 0.89 17.96 -11.84
N LYS B 249 0.96 19.29 -11.99
CA LYS B 249 -0.04 20.19 -11.38
C LYS B 249 -0.31 19.79 -9.91
N ARG B 250 0.78 19.66 -9.18
CA ARG B 250 0.73 19.38 -7.70
C ARG B 250 1.64 20.40 -7.01
N THR B 251 1.94 20.21 -5.72
CA THR B 251 2.88 21.08 -4.96
C THR B 251 4.19 20.32 -4.62
N PRO B 252 5.25 21.04 -4.28
CA PRO B 252 6.44 20.25 -4.00
C PRO B 252 6.25 19.34 -2.76
N ALA B 253 5.40 19.75 -1.82
CA ALA B 253 5.13 18.94 -0.65
C ALA B 253 4.58 17.57 -1.02
N LEU B 254 3.59 17.59 -1.90
CA LEU B 254 3.01 16.37 -2.42
C LEU B 254 4.03 15.44 -3.12
N ILE B 255 4.94 15.99 -3.91
CA ILE B 255 5.94 15.15 -4.53
C ILE B 255 6.79 14.49 -3.41
N ALA B 256 7.11 15.26 -2.36
CA ALA B 256 7.98 14.74 -1.27
C ALA B 256 7.28 13.64 -0.48
N LEU B 257 5.98 13.83 -0.18
CA LEU B 257 5.18 12.77 0.41
C LEU B 257 5.06 11.55 -0.48
N ARG B 258 4.81 11.73 -1.76
CA ARG B 258 4.50 10.64 -2.62
C ARG B 258 5.71 9.80 -2.75
N TYR B 259 6.87 10.46 -2.75
CA TYR B 259 8.16 9.80 -2.84
C TYR B 259 8.24 8.76 -1.73
N GLN B 260 7.76 9.13 -0.55
CA GLN B 260 7.92 8.22 0.62
C GLN B 260 6.98 7.07 0.47
N LEU B 261 5.74 7.38 0.14
CA LEU B 261 4.80 6.27 -0.10
C LEU B 261 5.36 5.23 -1.08
N GLN B 262 5.99 5.63 -2.15
CA GLN B 262 6.40 4.65 -3.17
C GLN B 262 7.59 3.88 -2.79
N ARG B 263 8.40 4.40 -1.85
CA ARG B 263 9.59 3.73 -1.43
C ARG B 263 9.31 2.85 -0.18
N GLY B 264 8.07 2.78 0.22
CA GLY B 264 7.65 1.82 1.26
C GLY B 264 7.73 2.49 2.63
N VAL B 265 7.78 3.80 2.68
CA VAL B 265 7.80 4.56 3.93
C VAL B 265 6.40 5.03 4.28
N VAL B 266 6.01 4.98 5.57
CA VAL B 266 4.75 5.61 6.04
C VAL B 266 5.15 7.05 6.40
N VAL B 267 4.33 8.01 6.04
CA VAL B 267 4.74 9.40 6.05
C VAL B 267 3.74 10.20 6.88
N LEU B 268 4.32 11.06 7.72
CA LEU B 268 3.54 12.00 8.50
C LEU B 268 3.55 13.36 7.81
N ALA B 269 2.47 14.10 7.98
CA ALA B 269 2.40 15.47 7.45
C ALA B 269 1.73 16.26 8.53
N LYS B 270 2.37 17.31 9.03
CA LYS B 270 1.66 18.28 9.90
C LYS B 270 1.32 19.54 9.13
N SER B 271 0.08 19.99 9.30
CA SER B 271 -0.30 21.38 9.01
C SER B 271 -1.49 21.72 9.89
N TYR B 272 -1.59 22.98 10.27
CA TYR B 272 -2.81 23.46 10.94
C TYR B 272 -3.72 24.22 9.98
N ASN B 273 -3.17 24.60 8.82
CA ASN B 273 -3.96 25.31 7.80
C ASN B 273 -4.76 24.33 6.94
N GLU B 274 -6.07 24.55 6.96
CA GLU B 274 -7.06 23.63 6.39
C GLU B 274 -6.85 23.20 4.95
N GLN B 275 -6.24 24.07 4.20
CA GLN B 275 -6.08 23.83 2.79
C GLN B 275 -4.83 22.96 2.56
N ARG B 276 -3.78 23.14 3.36
CA ARG B 276 -2.58 22.31 3.22
C ARG B 276 -2.92 20.89 3.71
N ILE B 277 -3.89 20.83 4.63
CA ILE B 277 -4.48 19.59 5.15
C ILE B 277 -5.28 18.79 4.11
N ARG B 278 -6.23 19.43 3.42
N ARG B 278 -6.25 19.43 3.45
CA ARG B 278 -6.99 18.75 2.37
CA ARG B 278 -6.98 18.80 2.36
C ARG B 278 -6.10 18.42 1.15
C ARG B 278 -6.01 18.38 1.26
N GLN B 279 -5.15 19.30 0.86
CA GLN B 279 -4.14 19.02 -0.16
C GLN B 279 -3.28 17.75 0.11
N ASN B 280 -2.88 17.56 1.34
CA ASN B 280 -1.96 16.44 1.64
C ASN B 280 -2.55 15.06 1.33
N VAL B 281 -3.83 14.91 1.57
CA VAL B 281 -4.57 13.71 1.23
C VAL B 281 -4.60 13.34 -0.28
N GLN B 282 -4.26 14.27 -1.14
CA GLN B 282 -4.16 13.99 -2.58
C GLN B 282 -2.89 13.24 -2.94
N VAL B 283 -2.12 12.83 -1.93
CA VAL B 283 -0.94 12.01 -2.24
C VAL B 283 -1.33 10.66 -2.93
N PHE B 284 -2.59 10.26 -2.73
CA PHE B 284 -3.11 9.02 -3.24
C PHE B 284 -3.63 9.15 -4.66
N GLU B 285 -3.61 10.36 -5.24
N GLU B 285 -3.54 10.36 -5.22
CA GLU B 285 -4.30 10.60 -6.51
CA GLU B 285 -4.26 10.74 -6.44
C GLU B 285 -3.38 10.57 -7.72
C GLU B 285 -3.38 10.60 -7.68
N PHE B 286 -2.07 10.41 -7.50
CA PHE B 286 -1.10 10.36 -8.59
C PHE B 286 0.09 9.46 -8.23
N GLN B 287 0.96 9.22 -9.23
CA GLN B 287 2.12 8.34 -9.15
C GLN B 287 3.35 8.92 -9.81
N LEU B 288 4.50 8.46 -9.37
CA LEU B 288 5.77 8.91 -9.87
C LEU B 288 6.46 7.75 -10.58
N THR B 289 7.02 8.06 -11.75
CA THR B 289 7.67 7.04 -12.54
C THR B 289 9.01 6.76 -11.94
N SER B 290 9.65 5.71 -12.43
CA SER B 290 10.97 5.36 -11.96
C SER B 290 12.05 6.43 -12.23
N GLU B 291 11.99 7.13 -13.39
CA GLU B 291 12.92 8.26 -13.69
C GLU B 291 12.79 9.30 -12.60
N GLU B 292 11.54 9.62 -12.28
CA GLU B 292 11.20 10.71 -11.36
C GLU B 292 11.66 10.41 -9.91
N MET B 293 11.57 9.15 -9.55
CA MET B 293 11.97 8.70 -8.23
C MET B 293 13.48 8.74 -8.14
N LYS B 294 14.17 8.31 -9.21
CA LYS B 294 15.63 8.36 -9.34
C LYS B 294 16.10 9.79 -9.13
N ALA B 295 15.36 10.75 -9.68
CA ALA B 295 15.69 12.16 -9.56
C ALA B 295 15.61 12.58 -8.11
N ILE B 296 14.56 12.15 -7.41
CA ILE B 296 14.41 12.54 -5.98
C ILE B 296 15.51 11.91 -5.16
N ASP B 297 15.83 10.67 -5.45
CA ASP B 297 16.99 10.02 -4.84
C ASP B 297 18.27 10.84 -5.04
N GLY B 298 18.44 11.43 -6.21
CA GLY B 298 19.61 12.31 -6.44
C GLY B 298 19.75 13.54 -5.54
N LEU B 299 18.62 14.03 -5.03
CA LEU B 299 18.62 15.16 -4.09
C LEU B 299 19.21 14.91 -2.70
N ASN B 300 19.53 13.67 -2.38
CA ASN B 300 20.04 13.34 -1.07
C ASN B 300 21.35 14.09 -0.75
N ARG B 301 21.36 14.74 0.41
CA ARG B 301 22.43 15.64 0.86
C ARG B 301 23.03 15.32 2.22
N ASN B 302 22.50 14.35 2.97
CA ASN B 302 23.00 14.10 4.35
C ASN B 302 22.80 15.33 5.25
N VAL B 303 21.67 16.02 5.05
CA VAL B 303 21.26 17.20 5.84
C VAL B 303 20.24 16.74 6.90
N ARG B 304 20.69 16.54 8.12
CA ARG B 304 19.74 16.28 9.22
C ARG B 304 19.24 17.60 9.81
N TYR B 305 17.95 17.92 9.70
CA TYR B 305 17.41 19.16 10.30
C TYR B 305 17.32 19.07 11.83
N LEU B 306 16.96 17.91 12.36
CA LEU B 306 16.70 17.79 13.78
C LEU B 306 17.77 16.98 14.48
N THR B 307 18.76 17.67 15.03
CA THR B 307 19.88 16.95 15.64
C THR B 307 19.58 16.58 17.10
N LEU B 308 18.66 17.34 17.71
CA LEU B 308 18.35 17.28 19.12
C LEU B 308 19.65 17.23 19.90
N ASP B 309 20.57 18.12 19.53
CA ASP B 309 21.92 17.97 20.07
C ASP B 309 22.03 18.47 21.52
N ILE B 310 21.00 19.16 22.06
CA ILE B 310 20.93 19.32 23.51
C ILE B 310 21.01 17.95 24.20
N PHE B 311 20.69 16.85 23.52
CA PHE B 311 20.82 15.52 24.17
C PHE B 311 22.11 14.76 23.87
N ALA B 312 23.14 15.42 23.32
CA ALA B 312 24.41 14.73 22.99
C ALA B 312 25.18 14.43 24.24
N GLY B 313 26.03 13.43 24.16
CA GLY B 313 26.85 13.04 25.29
C GLY B 313 26.53 11.68 25.84
N PRO B 314 25.26 11.40 26.11
CA PRO B 314 25.10 10.05 26.62
C PRO B 314 25.30 8.90 25.60
N PRO B 315 25.54 7.67 26.06
CA PRO B 315 25.82 6.55 25.12
C PRO B 315 24.71 6.27 24.09
N ASN B 316 23.46 6.57 24.46
CA ASN B 316 22.34 6.30 23.60
C ASN B 316 21.96 7.48 22.74
N TYR B 317 22.76 8.52 22.71
CA TYR B 317 22.46 9.62 21.80
C TYR B 317 22.61 8.99 20.39
N PRO B 318 21.59 9.13 19.56
CA PRO B 318 21.57 8.31 18.33
C PRO B 318 22.23 8.84 17.07
N PHE B 319 22.64 10.08 17.05
CA PHE B 319 23.11 10.70 15.82
C PHE B 319 24.60 11.05 15.74
N SER B 320 25.49 10.41 16.50
CA SER B 320 26.92 10.52 16.13
C SER B 320 27.19 9.53 15.02
C20 SUZ C . -9.38 -20.19 -26.03
C19 SUZ C . -8.99 -18.96 -25.49
C5 SUZ C . -9.37 -18.62 -24.19
C6 SUZ C . -8.96 -17.39 -23.66
C7 SUZ C . -7.79 -17.30 -22.99
C18 SUZ C . -6.93 -18.29 -22.54
C17 SUZ C . -6.71 -19.57 -22.95
C16 SUZ C . -5.63 -20.30 -22.44
C15 SUZ C . -4.76 -19.71 -21.54
F SUZ C . -3.78 -20.38 -21.07
C14 SUZ C . -5.01 -18.41 -21.12
C13 SUZ C . -6.10 -17.72 -21.61
C10 SUZ C . -6.37 -16.41 -21.64
C11 SUZ C . -5.71 -15.40 -20.71
C12 SUZ C . -6.40 -15.44 -19.29
O3 SUZ C . -7.13 -14.47 -18.98
O2 SUZ C . -6.14 -16.41 -18.51
C8 SUZ C . -7.42 -16.15 -22.43
C9 SUZ C . -7.91 -14.77 -22.83
C4 SUZ C . -10.15 -19.51 -23.42
C3 SUZ C . -10.54 -20.74 -23.96
C2 SUZ C . -10.15 -21.08 -25.26
S SUZ C . -10.66 -22.62 -25.95
O1 SUZ C . -12.19 -22.64 -25.85
C1 SUZ C . -10.15 -22.91 -27.64
PA NAP D . 0.42 -17.53 -12.17
O1A NAP D . 1.80 -17.19 -12.66
O2A NAP D . -0.16 -17.07 -10.87
O5B NAP D . 0.74 -19.03 -11.46
C5B NAP D . 1.22 -20.13 -12.14
C4B NAP D . 1.50 -21.39 -11.27
O4B NAP D . 2.03 -21.11 -9.98
C3B NAP D . 0.18 -22.15 -10.98
O3B NAP D . 0.14 -23.25 -11.86
C2B NAP D . 0.22 -22.61 -9.49
O2B NAP D . 0.03 -24.05 -9.25
C1B NAP D . 1.66 -22.21 -9.11
N9A NAP D . 1.87 -21.61 -7.74
C8A NAP D . 1.04 -20.80 -7.05
N7A NAP D . 1.60 -20.47 -5.89
C5A NAP D . 2.82 -21.11 -5.81
C6A NAP D . 3.78 -21.15 -4.82
N6A NAP D . 3.57 -20.42 -3.70
N1A NAP D . 4.93 -21.88 -4.97
C2A NAP D . 5.09 -22.61 -6.17
N3A NAP D . 4.08 -22.57 -7.18
C4A NAP D . 2.96 -21.81 -6.97
O3 NAP D . -0.59 -18.21 -13.27
PN NAP D . -1.73 -17.49 -14.31
O1N NAP D . -0.80 -17.56 -15.44
O2N NAP D . -2.64 -18.59 -13.80
O5D NAP D . -2.01 -16.01 -13.82
C5D NAP D . -2.71 -15.73 -12.59
C4D NAP D . -4.14 -15.31 -12.89
O4D NAP D . -4.14 -14.10 -13.70
C3D NAP D . -5.05 -16.33 -13.66
O3D NAP D . -5.65 -17.39 -12.86
C2D NAP D . -6.17 -15.29 -14.12
O2D NAP D . -7.09 -14.92 -13.04
C1D NAP D . -5.36 -14.04 -14.49
N1N NAP D . -4.91 -13.98 -15.91
C2N NAP D . -5.47 -13.03 -16.73
C3N NAP D . -5.06 -12.91 -18.04
C7N NAP D . -5.65 -11.93 -18.88
O7N NAP D . -5.61 -12.10 -20.08
N7N NAP D . -6.22 -10.83 -18.33
C4N NAP D . -4.07 -13.80 -18.54
C5N NAP D . -3.50 -14.79 -17.75
C6N NAP D . -3.91 -14.89 -16.42
P2B NAP D . -1.00 -24.64 -8.06
O1X NAP D . -2.38 -24.23 -8.51
O2X NAP D . -0.86 -26.07 -7.97
O3X NAP D . -0.50 -23.94 -6.86
C1 EDO E . -5.23 -7.93 0.60
O1 EDO E . -4.59 -7.10 -0.37
C2 EDO E . -5.54 -9.36 0.17
O2 EDO E . -6.46 -9.50 -0.98
C1 EDO F . 13.23 -11.80 6.72
O1 EDO F . 12.86 -10.83 5.72
C2 EDO F . 12.02 -12.69 7.06
O2 EDO F . 11.37 -13.16 5.85
O1 TLA G . 7.96 3.33 -7.18
O11 TLA G . 9.80 3.45 -8.58
C1 TLA G . 9.23 3.27 -7.44
C2 TLA G . 10.15 2.93 -6.31
O2 TLA G . 11.49 3.03 -6.84
C3 TLA G . 9.90 1.50 -5.83
O3 TLA G . 9.79 0.70 -7.02
C4 TLA G . 10.99 1.01 -4.87
O4 TLA G . 11.22 1.76 -3.87
O41 TLA G . 11.60 -0.09 -5.10
PA NAP H . 6.71 18.31 8.51
O1A NAP H . 7.62 18.35 7.38
O2A NAP H . 5.26 17.92 8.52
O5B NAP H . 6.00 19.87 8.15
C5B NAP H . 6.71 21.11 8.07
C4B NAP H . 5.70 22.30 7.77
O4B NAP H . 5.15 22.19 6.44
C3B NAP H . 4.46 22.42 8.69
O3B NAP H . 4.74 23.45 9.62
C2B NAP H . 3.30 22.87 7.80
O2B NAP H . 2.89 24.27 8.18
C1B NAP H . 3.88 22.80 6.37
N9A NAP H . 2.98 22.06 5.38
C8A NAP H . 2.14 21.03 5.56
N7A NAP H . 1.55 20.72 4.41
C5A NAP H . 2.02 21.54 3.48
C6A NAP H . 1.74 21.65 2.17
N6A NAP H . 0.85 20.81 1.62
N1A NAP H . 2.36 22.57 1.45
C2A NAP H . 3.30 23.45 2.01
N3A NAP H . 3.54 23.33 3.38
C4A NAP H . 2.90 22.38 4.07
O3 NAP H . 7.49 18.70 9.96
PN NAP H . 7.02 18.47 11.52
O1N NAP H . 8.40 18.46 12.20
O2N NAP H . 6.20 19.65 11.12
O5D NAP H . 6.56 16.85 11.28
C5D NAP H . 5.15 16.53 11.48
C4D NAP H . 5.02 15.54 12.60
O4D NAP H . 6.14 14.59 12.75
C3D NAP H . 4.98 16.30 13.98
O3D NAP H . 3.77 17.07 14.24
C2D NAP H . 5.05 15.04 14.87
O2D NAP H . 3.75 14.42 14.92
C1D NAP H . 6.09 14.17 14.17
N1N NAP H . 7.49 14.41 14.66
C2N NAP H . 8.04 13.44 15.49
C3N NAP H . 9.31 13.59 15.99
C7N NAP H . 9.87 12.58 16.80
O7N NAP H . 11.03 12.77 17.22
N7N NAP H . 9.20 11.37 16.90
C4N NAP H . 10.06 14.75 15.63
C5N NAP H . 9.52 15.74 14.80
C6N NAP H . 8.23 15.59 14.31
P2B NAP H . 1.37 24.74 8.43
O1X NAP H . 0.95 24.25 9.76
O2X NAP H . 1.46 26.20 8.29
O3X NAP H . 0.68 24.08 7.30
C1 EDO I . 7.51 -3.55 35.26
O1 EDO I . 6.41 -4.47 35.41
C2 EDO I . 7.92 -3.41 33.83
O2 EDO I . 8.67 -4.54 33.28
C1 EDO J . 29.16 24.87 39.68
O1 EDO J . 27.99 25.72 39.83
C2 EDO J . 29.04 23.66 40.62
O2 EDO J . 28.08 22.66 40.17
C1 EDO K . 19.50 5.81 29.48
O1 EDO K . 20.78 5.17 29.71
C2 EDO K . 19.10 5.62 28.03
O2 EDO K . 17.89 4.91 27.89
P PO4 L . 15.77 8.30 42.69
O1 PO4 L . 15.44 6.96 42.10
O2 PO4 L . 14.46 8.89 43.22
O3 PO4 L . 16.38 9.19 41.63
O4 PO4 L . 16.76 8.09 43.82
#